data_2PJ2
#
_entry.id   2PJ2
#
_cell.length_a   66.547
_cell.length_b   96.324
_cell.length_c   135.769
_cell.angle_alpha   90.00
_cell.angle_beta   90.00
_cell.angle_gamma   90.00
#
_symmetry.space_group_name_H-M   'P 21 21 21'
#
loop_
_entity.id
_entity.type
_entity.pdbx_description
1 polymer 'Carboxypeptidase B'
2 non-polymer 'ZINC ION'
3 non-polymer '(2S)-2-[3-(AMINOMETHYL)PHENYL]-3-[(R)-[(1R)-1-{[(BENZYLOXY)CARBONYL]AMINO}-2-METHYLPROPYL](HYDROXY)PHOSPHORYL]PROPANOIC ACID'
4 water water
#
_entity_poly.entity_id   1
_entity_poly.type   'polypeptide(L)'
_entity_poly.pdbx_seq_one_letter_code
;TTGHSYEKYNNWETIEAWTKQVTSENPDLISRTAIGTTFLGNNIYLLKVGKPGPNKPAIFMDCGFHAREWISHAFCQWFV
REAVLTYGYESHMTEFLNKLDFYVLPVLNIDGYIYTWTKNRMWRKTRSTNAGTTCIGTDPNRNFDAGWCTTGASTDPCDE
TYCGSAAESEKETKALADFIRNNLSSIKAYLTIHSYSQMILYPYSYDYKLPENNAELNNLAKAAVKELATLYGTKYTYGP
GATTIYPAAGGSDDWAYDQGIKYSFTFELRDKGRYGFILPESQIQATCEETMLAIKYVTNYVLGHL
;
_entity_poly.pdbx_strand_id   A,B,C
#
loop_
_chem_comp.id
_chem_comp.type
_chem_comp.name
_chem_comp.formula
864 non-polymer '(2S)-2-[3-(AMINOMETHYL)PHENYL]-3-[(R)-[(1R)-1-{[(BENZYLOXY)CARBONYL]AMINO}-2-METHYLPROPYL](HYDROXY)PHOSPHORYL]PROPANOIC ACID' 'C22 H29 N2 O6 P'
ZN non-polymer 'ZINC ION' 'Zn 2'
#
# COMPACT_ATOMS: atom_id res chain seq x y z
N GLY A 3 0.22 6.34 39.18
CA GLY A 3 -0.70 6.00 38.11
C GLY A 3 -1.27 4.61 38.25
N HIS A 4 -1.05 3.98 39.39
CA HIS A 4 -1.56 2.62 39.59
C HIS A 4 -3.04 2.62 39.94
N SER A 5 -3.78 1.68 39.36
CA SER A 5 -5.15 1.40 39.79
C SER A 5 -5.44 -0.10 39.73
N TYR A 6 -6.13 -0.59 40.76
CA TYR A 6 -6.45 -2.00 40.85
C TYR A 6 -7.59 -2.38 39.91
N GLU A 7 -8.36 -1.39 39.45
CA GLU A 7 -9.46 -1.65 38.50
C GLU A 7 -9.13 -1.18 37.09
N LYS A 8 -7.85 -1.03 36.77
CA LYS A 8 -7.41 -0.88 35.39
C LYS A 8 -6.17 -1.75 35.15
N TYR A 9 -5.85 -2.01 33.89
CA TYR A 9 -4.61 -2.72 33.57
C TYR A 9 -3.46 -1.72 33.61
N ASN A 10 -2.41 -2.08 34.33
CA ASN A 10 -1.26 -1.21 34.55
C ASN A 10 -0.09 -1.66 33.70
N ASN A 11 0.68 -0.72 33.13
CA ASN A 11 1.86 -1.13 32.38
C ASN A 11 2.96 -1.58 33.34
N TRP A 12 4.04 -2.14 32.80
CA TRP A 12 5.08 -2.71 33.68
C TRP A 12 5.75 -1.62 34.50
N GLU A 13 5.96 -0.46 33.90
CA GLU A 13 6.50 0.70 34.62
C GLU A 13 5.72 0.88 35.91
N THR A 14 4.40 0.82 35.83
CA THR A 14 3.54 1.12 36.97
C THR A 14 3.47 -0.05 37.95
N ILE A 15 3.47 -1.27 37.43
CA ILE A 15 3.45 -2.44 38.28
C ILE A 15 4.74 -2.52 39.11
N GLU A 16 5.88 -2.28 38.47
CA GLU A 16 7.17 -2.27 39.17
C GLU A 16 7.19 -1.25 40.32
N ALA A 17 6.77 -0.02 40.02
CA ALA A 17 6.70 1.02 41.03
C ALA A 17 5.76 0.57 42.16
N TRP A 18 4.67 -0.09 41.76
CA TRP A 18 3.71 -0.59 42.73
C TRP A 18 4.28 -1.66 43.65
N THR A 19 5.06 -2.59 43.10
CA THR A 19 5.71 -3.60 43.95
C THR A 19 6.58 -2.91 44.99
N LYS A 20 7.27 -1.85 44.59
CA LYS A 20 8.09 -1.08 45.52
C LYS A 20 7.24 -0.36 46.57
N GLN A 21 6.17 0.29 46.12
CA GLN A 21 5.35 1.07 47.02
C GLN A 21 4.50 0.25 47.99
N VAL A 22 3.87 -0.81 47.49
CA VAL A 22 3.01 -1.63 48.33
C VAL A 22 3.84 -2.27 49.43
N THR A 23 5.09 -2.60 49.11
CA THR A 23 6.02 -3.18 50.06
C THR A 23 6.45 -2.11 51.07
N SER A 24 6.77 -0.93 50.56
CA SER A 24 7.08 0.22 51.42
C SER A 24 5.99 0.45 52.45
N GLU A 25 4.74 0.41 52.01
CA GLU A 25 3.62 0.79 52.86
C GLU A 25 3.18 -0.34 53.76
N ASN A 26 3.67 -1.55 53.52
CA ASN A 26 3.24 -2.72 54.28
C ASN A 26 4.40 -3.66 54.66
N PRO A 27 5.47 -3.11 55.23
CA PRO A 27 6.67 -3.90 55.50
C PRO A 27 6.46 -5.04 56.50
N ASP A 28 5.39 -4.95 57.30
CA ASP A 28 5.10 -5.98 58.28
C ASP A 28 4.23 -7.11 57.68
N LEU A 29 3.98 -7.04 56.38
CA LEU A 29 3.19 -8.05 55.70
C LEU A 29 3.80 -8.46 54.36
N ILE A 30 4.71 -7.65 53.85
CA ILE A 30 5.27 -7.88 52.52
C ILE A 30 6.77 -7.60 52.49
N SER A 31 7.55 -8.57 52.02
CA SER A 31 8.91 -8.30 51.59
C SER A 31 9.03 -8.52 50.09
N ARG A 32 9.91 -7.77 49.44
CA ARG A 32 10.08 -7.90 47.99
C ARG A 32 11.52 -8.25 47.63
N THR A 33 11.67 -9.23 46.75
CA THR A 33 12.99 -9.60 46.24
C THR A 33 12.90 -9.81 44.73
N ALA A 34 14.02 -9.73 44.05
CA ALA A 34 14.09 -10.11 42.63
C ALA A 34 14.70 -11.51 42.57
N ILE A 35 14.09 -12.40 41.79
CA ILE A 35 14.61 -13.76 41.70
C ILE A 35 15.37 -14.00 40.40
N GLY A 36 15.53 -12.96 39.59
CA GLY A 36 16.26 -13.08 38.35
C GLY A 36 15.97 -11.93 37.40
N THR A 37 16.55 -11.97 36.21
CA THR A 37 16.24 -10.99 35.18
C THR A 37 15.67 -11.65 33.93
N THR A 38 14.84 -10.90 33.22
CA THR A 38 14.23 -11.37 31.98
C THR A 38 15.27 -11.31 30.88
N PHE A 39 14.92 -11.81 29.71
CA PHE A 39 15.82 -11.76 28.57
C PHE A 39 16.24 -10.31 28.31
N LEU A 40 15.31 -9.37 28.45
CA LEU A 40 15.58 -7.98 28.13
C LEU A 40 15.92 -7.14 29.36
N GLY A 41 16.20 -7.82 30.46
CA GLY A 41 16.83 -7.14 31.59
C GLY A 41 15.87 -6.52 32.58
N ASN A 42 14.62 -6.94 32.56
CA ASN A 42 13.64 -6.50 33.55
C ASN A 42 13.72 -7.37 34.80
N ASN A 43 13.28 -6.84 35.94
CA ASN A 43 13.47 -7.51 37.22
C ASN A 43 12.25 -8.36 37.53
N ILE A 44 12.48 -9.66 37.72
CA ILE A 44 11.39 -10.58 38.04
C ILE A 44 11.14 -10.53 39.54
N TYR A 45 10.17 -9.71 39.95
CA TYR A 45 9.93 -9.48 41.37
C TYR A 45 9.11 -10.61 41.96
N LEU A 46 9.36 -10.90 43.23
CA LEU A 46 8.54 -11.83 43.98
C LEU A 46 8.17 -11.18 45.29
N LEU A 47 6.90 -11.22 45.65
CA LEU A 47 6.46 -10.63 46.91
C LEU A 47 6.11 -11.75 47.88
N LYS A 48 6.71 -11.70 49.06
CA LYS A 48 6.41 -12.67 50.11
C LYS A 48 5.38 -12.02 51.02
N VAL A 49 4.13 -12.50 50.91
CA VAL A 49 3.02 -11.90 51.62
C VAL A 49 2.66 -12.77 52.80
N GLY A 50 2.72 -12.18 53.99
CA GLY A 50 2.41 -12.90 55.20
C GLY A 50 3.06 -12.25 56.41
N LYS A 51 2.61 -12.62 57.60
CA LYS A 51 3.21 -12.10 58.82
C LYS A 51 4.48 -12.89 59.08
N PRO A 52 5.63 -12.19 59.09
CA PRO A 52 6.95 -12.84 59.17
C PRO A 52 7.12 -13.70 60.42
N GLY A 53 7.77 -14.84 60.24
CA GLY A 53 7.96 -15.77 61.34
C GLY A 53 8.91 -16.87 60.94
N PRO A 54 9.39 -17.67 61.90
CA PRO A 54 10.32 -18.78 61.67
C PRO A 54 9.68 -19.96 60.94
N ASN A 55 10.41 -20.51 59.97
CA ASN A 55 10.02 -21.74 59.28
C ASN A 55 8.52 -21.88 59.00
N LYS A 56 7.97 -20.95 58.22
CA LYS A 56 6.57 -21.04 57.80
C LYS A 56 6.45 -21.81 56.50
N PRO A 57 5.36 -22.59 56.35
CA PRO A 57 5.02 -23.18 55.05
C PRO A 57 4.59 -22.07 54.11
N ALA A 58 4.50 -22.37 52.82
CA ALA A 58 4.17 -21.37 51.82
C ALA A 58 3.25 -21.89 50.73
N ILE A 59 2.52 -20.96 50.09
CA ILE A 59 1.83 -21.24 48.83
C ILE A 59 2.41 -20.33 47.75
N PHE A 60 2.66 -20.89 46.58
CA PHE A 60 3.25 -20.11 45.50
C PHE A 60 2.21 -19.81 44.44
N MET A 61 2.16 -18.55 44.02
CA MET A 61 1.23 -18.13 42.98
C MET A 61 1.94 -17.18 42.05
N ASP A 62 1.91 -17.47 40.76
CA ASP A 62 2.46 -16.58 39.75
C ASP A 62 1.37 -16.08 38.82
N CYS A 63 1.59 -14.89 38.27
CA CYS A 63 0.73 -14.38 37.21
C CYS A 63 1.59 -13.98 36.01
N GLY A 64 0.94 -13.75 34.87
CA GLY A 64 1.61 -13.11 33.76
C GLY A 64 2.56 -14.02 33.01
N PHE A 65 2.31 -15.33 33.05
CA PHE A 65 3.05 -16.27 32.19
C PHE A 65 2.92 -15.83 30.74
N HIS A 66 1.69 -15.59 30.30
CA HIS A 66 1.42 -15.25 28.91
C HIS A 66 1.05 -13.77 28.79
N ALA A 67 1.71 -13.08 27.87
CA ALA A 67 1.74 -11.62 27.87
C ALA A 67 0.37 -10.97 27.71
N ARG A 68 -0.44 -11.51 26.79
CA ARG A 68 -1.74 -10.91 26.44
C ARG A 68 -2.82 -11.18 27.47
N GLU A 69 -2.52 -11.94 28.51
CA GLU A 69 -3.55 -12.38 29.45
C GLU A 69 -3.68 -11.42 30.62
N TRP A 70 -4.04 -10.18 30.30
CA TRP A 70 -3.92 -9.07 31.22
C TRP A 70 -4.71 -9.21 32.52
N ILE A 71 -5.82 -9.93 32.51
CA ILE A 71 -6.59 -10.08 33.74
C ILE A 71 -5.79 -10.88 34.76
N SER A 72 -4.87 -11.71 34.28
CA SER A 72 -4.00 -12.49 35.15
C SER A 72 -3.11 -11.59 36.00
N HIS A 73 -2.36 -10.72 35.34
CA HIS A 73 -1.56 -9.70 36.00
C HIS A 73 -2.39 -8.90 37.01
N ALA A 74 -3.59 -8.51 36.60
CA ALA A 74 -4.49 -7.75 37.46
C ALA A 74 -4.86 -8.51 38.72
N PHE A 75 -5.02 -9.82 38.60
CA PHE A 75 -5.42 -10.60 39.76
C PHE A 75 -4.38 -10.62 40.87
N CYS A 76 -3.11 -10.86 40.51
CA CYS A 76 -2.07 -10.90 41.50
C CYS A 76 -2.03 -9.57 42.27
N GLN A 77 -2.09 -8.46 41.55
CA GLN A 77 -2.10 -7.15 42.21
C GLN A 77 -3.26 -7.06 43.20
N TRP A 78 -4.44 -7.50 42.76
CA TRP A 78 -5.66 -7.43 43.56
C TRP A 78 -5.52 -8.26 44.83
N PHE A 79 -4.94 -9.44 44.66
CA PHE A 79 -4.79 -10.38 45.76
C PHE A 79 -3.93 -9.74 46.85
N VAL A 80 -2.83 -9.12 46.46
CA VAL A 80 -1.95 -8.50 47.41
C VAL A 80 -2.64 -7.41 48.21
N ARG A 81 -3.41 -6.55 47.55
CA ARG A 81 -4.17 -5.55 48.30
C ARG A 81 -5.16 -6.19 49.27
N GLU A 82 -5.86 -7.22 48.81
CA GLU A 82 -6.84 -7.91 49.66
C GLU A 82 -6.18 -8.42 50.92
N ALA A 83 -5.03 -9.07 50.75
CA ALA A 83 -4.26 -9.57 51.88
C ALA A 83 -3.94 -8.47 52.87
N VAL A 84 -3.31 -7.41 52.39
CA VAL A 84 -2.83 -6.38 53.32
C VAL A 84 -3.95 -5.59 53.97
N LEU A 85 -5.02 -5.33 53.24
CA LEU A 85 -6.10 -4.51 53.80
C LEU A 85 -6.96 -5.26 54.80
N THR A 86 -7.12 -6.57 54.62
CA THR A 86 -8.01 -7.33 55.49
C THR A 86 -7.30 -8.07 56.63
N TYR A 87 -5.98 -8.13 56.61
CA TYR A 87 -5.27 -8.81 57.69
C TYR A 87 -5.63 -8.19 59.03
N GLY A 88 -6.03 -9.03 59.97
CA GLY A 88 -6.37 -8.54 61.30
C GLY A 88 -7.86 -8.22 61.47
N TYR A 89 -8.59 -8.12 60.37
CA TYR A 89 -10.02 -7.84 60.43
C TYR A 89 -10.85 -9.01 59.96
N GLU A 90 -10.46 -9.60 58.84
CA GLU A 90 -11.15 -10.79 58.34
C GLU A 90 -10.45 -12.04 58.88
N SER A 91 -11.20 -12.87 59.61
CA SER A 91 -10.60 -13.94 60.39
C SER A 91 -9.82 -14.95 59.54
N HIS A 92 -10.35 -15.31 58.38
CA HIS A 92 -9.68 -16.29 57.52
C HIS A 92 -8.33 -15.79 57.01
N MET A 93 -8.29 -14.61 56.40
CA MET A 93 -7.05 -14.09 55.83
C MET A 93 -6.03 -13.84 56.93
N THR A 94 -6.50 -13.54 58.14
CA THR A 94 -5.60 -13.29 59.25
C THR A 94 -4.90 -14.59 59.64
N GLU A 95 -5.65 -15.68 59.70
CA GLU A 95 -5.08 -16.99 59.99
C GLU A 95 -4.11 -17.37 58.89
N PHE A 96 -4.54 -17.19 57.63
CA PHE A 96 -3.71 -17.55 56.48
C PHE A 96 -2.35 -16.90 56.56
N LEU A 97 -2.32 -15.58 56.77
CA LEU A 97 -1.08 -14.84 56.78
C LEU A 97 -0.28 -15.11 58.04
N ASN A 98 -0.97 -15.47 59.12
CA ASN A 98 -0.31 -15.83 60.35
C ASN A 98 0.44 -17.14 60.19
N LYS A 99 -0.24 -18.12 59.60
CA LYS A 99 0.29 -19.47 59.58
C LYS A 99 1.14 -19.79 58.35
N LEU A 100 0.89 -19.09 57.24
CA LEU A 100 1.66 -19.35 56.03
C LEU A 100 2.06 -18.10 55.25
N ASP A 101 2.92 -18.30 54.25
CA ASP A 101 3.29 -17.21 53.35
C ASP A 101 2.75 -17.46 51.97
N PHE A 102 2.34 -16.38 51.29
CA PHE A 102 2.06 -16.46 49.87
C PHE A 102 3.23 -15.87 49.11
N TYR A 103 3.84 -16.68 48.26
CA TYR A 103 4.81 -16.15 47.32
C TYR A 103 4.05 -15.73 46.07
N VAL A 104 3.93 -14.42 45.89
CA VAL A 104 3.23 -13.89 44.73
C VAL A 104 4.23 -13.33 43.74
N LEU A 105 4.29 -13.95 42.56
CA LEU A 105 5.11 -13.43 41.48
C LEU A 105 4.16 -12.70 40.52
N PRO A 106 4.12 -11.35 40.59
CA PRO A 106 3.09 -10.59 39.89
C PRO A 106 3.13 -10.74 38.36
N VAL A 107 4.32 -10.66 37.78
CA VAL A 107 4.47 -10.85 36.34
C VAL A 107 5.72 -11.69 36.03
N LEU A 108 5.53 -12.86 35.44
CA LEU A 108 6.70 -13.66 35.06
C LEU A 108 7.27 -13.20 33.73
N ASN A 109 6.41 -13.10 32.72
CA ASN A 109 6.84 -12.78 31.37
C ASN A 109 6.72 -11.28 31.11
N ILE A 110 7.58 -10.53 31.78
CA ILE A 110 7.51 -9.07 31.73
C ILE A 110 7.84 -8.56 30.33
N ASP A 111 8.81 -9.18 29.67
CA ASP A 111 9.21 -8.73 28.35
C ASP A 111 8.02 -8.76 27.41
N GLY A 112 7.28 -9.86 27.43
CA GLY A 112 6.13 -9.99 26.55
C GLY A 112 5.03 -9.03 26.94
N TYR A 113 4.82 -8.85 28.23
CA TYR A 113 3.79 -7.94 28.72
C TYR A 113 4.04 -6.52 28.18
N ILE A 114 5.27 -6.05 28.31
CA ILE A 114 5.64 -4.75 27.75
C ILE A 114 5.36 -4.67 26.25
N TYR A 115 5.54 -5.79 25.56
CA TYR A 115 5.32 -5.82 24.12
C TYR A 115 3.83 -5.71 23.78
N THR A 116 2.97 -6.25 24.64
CA THR A 116 1.55 -6.16 24.41
C THR A 116 1.08 -4.72 24.60
N TRP A 117 1.86 -3.94 25.36
CA TRP A 117 1.53 -2.55 25.57
C TRP A 117 2.10 -1.66 24.46
N THR A 118 3.28 -1.99 23.97
CA THR A 118 4.00 -1.12 23.05
C THR A 118 3.73 -1.42 21.59
N LYS A 119 3.49 -2.69 21.26
CA LYS A 119 3.47 -3.12 19.86
C LYS A 119 2.32 -4.03 19.47
N ASN A 120 2.11 -5.12 20.20
CA ASN A 120 1.14 -6.12 19.77
C ASN A 120 0.40 -6.73 20.95
N ARG A 121 -0.85 -6.29 21.12
CA ARG A 121 -1.66 -6.63 22.28
C ARG A 121 -1.86 -8.15 22.41
N MET A 122 -1.67 -8.86 21.31
CA MET A 122 -1.95 -10.29 21.25
C MET A 122 -0.71 -11.15 21.35
N TRP A 123 0.42 -10.57 21.72
CA TRP A 123 1.64 -11.35 21.94
C TRP A 123 1.46 -12.31 23.11
N ARG A 124 2.06 -13.50 23.00
CA ARG A 124 1.86 -14.55 24.00
C ARG A 124 3.17 -14.94 24.67
N LYS A 125 4.19 -15.14 23.83
CA LYS A 125 5.43 -15.74 24.26
C LYS A 125 6.37 -14.77 24.97
N THR A 126 7.57 -15.23 25.25
CA THR A 126 8.65 -14.39 25.73
C THR A 126 9.17 -13.60 24.53
N ARG A 127 10.23 -12.82 24.75
CA ARG A 127 10.76 -11.98 23.69
C ARG A 127 12.24 -12.27 23.43
N SER A 128 12.68 -13.48 23.77
CA SER A 128 14.05 -13.89 23.50
C SER A 128 14.24 -14.18 22.01
N THR A 129 15.47 -13.98 21.54
CA THR A 129 15.80 -14.29 20.16
C THR A 129 16.06 -15.79 19.99
N ASN A 130 15.97 -16.26 18.74
CA ASN A 130 16.19 -17.67 18.42
C ASN A 130 17.23 -17.81 17.31
N ALA A 131 18.18 -18.72 17.51
CA ALA A 131 19.25 -18.89 16.55
C ALA A 131 18.69 -19.24 15.18
N GLY A 132 19.22 -18.58 14.15
CA GLY A 132 18.97 -19.01 12.78
C GLY A 132 17.60 -18.65 12.24
N THR A 133 16.90 -17.76 12.94
CA THR A 133 15.58 -17.32 12.50
C THR A 133 15.31 -15.92 13.01
N THR A 134 14.46 -15.17 12.31
CA THR A 134 14.02 -13.87 12.81
C THR A 134 12.90 -14.01 13.83
N CYS A 135 12.32 -15.20 13.93
CA CYS A 135 11.17 -15.40 14.80
C CYS A 135 11.53 -15.27 16.28
N ILE A 136 10.64 -14.66 17.05
CA ILE A 136 10.93 -14.31 18.43
C ILE A 136 10.07 -15.10 19.43
N GLY A 137 10.69 -15.58 20.50
CA GLY A 137 9.91 -15.97 21.66
C GLY A 137 9.74 -17.47 21.88
N THR A 138 9.50 -17.81 23.15
CA THR A 138 9.26 -19.19 23.56
C THR A 138 8.01 -19.18 24.42
N ASP A 139 7.16 -20.19 24.28
CA ASP A 139 5.98 -20.31 25.13
C ASP A 139 6.40 -20.85 26.47
N PRO A 140 6.41 -19.98 27.50
CA PRO A 140 6.93 -20.34 28.83
C PRO A 140 6.21 -21.52 29.44
N ASN A 141 4.94 -21.71 29.09
CA ASN A 141 4.17 -22.79 29.66
C ASN A 141 4.26 -24.06 28.81
N ARG A 142 5.30 -24.12 27.97
CA ARG A 142 5.67 -25.35 27.28
C ARG A 142 7.15 -25.59 27.53
N ASN A 143 7.72 -24.77 28.42
CA ASN A 143 9.16 -24.71 28.61
C ASN A 143 9.65 -25.39 29.89
N PHE A 144 8.74 -26.02 30.64
CA PHE A 144 9.15 -26.71 31.86
C PHE A 144 9.37 -28.21 31.63
N ASP A 145 10.21 -28.80 32.48
CA ASP A 145 10.54 -30.23 32.38
C ASP A 145 9.38 -31.10 32.82
N ALA A 146 8.42 -31.31 31.91
CA ALA A 146 7.29 -32.19 32.18
C ALA A 146 6.78 -32.71 30.84
N GLY A 147 7.19 -33.94 30.49
CA GLY A 147 6.88 -34.44 29.18
C GLY A 147 7.28 -33.42 28.14
N TRP A 148 8.41 -32.76 28.39
CA TRP A 148 8.81 -31.57 27.65
C TRP A 148 8.73 -31.77 26.13
N CYS A 149 7.96 -30.90 25.49
CA CYS A 149 7.79 -30.89 24.04
C CYS A 149 7.28 -32.20 23.43
N THR A 150 6.59 -33.01 24.21
CA THR A 150 6.11 -34.30 23.72
C THR A 150 4.74 -34.20 23.07
N THR A 151 3.96 -33.20 23.47
CA THR A 151 2.60 -33.05 22.96
C THR A 151 2.07 -31.65 23.26
N GLY A 152 1.31 -31.10 22.31
CA GLY A 152 0.79 -29.75 22.48
C GLY A 152 1.88 -28.70 22.43
N ALA A 153 3.09 -29.10 22.05
CA ALA A 153 4.21 -28.19 21.91
C ALA A 153 4.77 -28.22 20.50
N SER A 154 5.23 -27.06 20.01
CA SER A 154 5.88 -26.99 18.71
C SER A 154 7.38 -26.83 18.88
N THR A 155 8.16 -27.48 18.02
CA THR A 155 9.61 -27.29 18.02
C THR A 155 10.04 -26.13 17.11
N ASP A 156 9.06 -25.41 16.57
CA ASP A 156 9.33 -24.31 15.63
C ASP A 156 9.27 -22.96 16.34
N PRO A 157 10.38 -22.21 16.32
CA PRO A 157 10.50 -20.91 16.98
C PRO A 157 9.43 -19.90 16.53
N CYS A 158 8.89 -20.13 15.33
CA CYS A 158 7.93 -19.20 14.75
C CYS A 158 6.50 -19.43 15.22
N ASP A 159 6.30 -20.48 16.01
CA ASP A 159 4.96 -20.85 16.46
C ASP A 159 4.70 -20.36 17.88
N GLU A 160 3.42 -20.26 18.23
CA GLU A 160 3.01 -19.68 19.49
C GLU A 160 3.16 -20.64 20.67
N THR A 161 3.23 -21.93 20.37
CA THR A 161 3.46 -22.94 21.41
C THR A 161 4.87 -23.49 21.39
N TYR A 162 5.82 -22.74 20.82
CA TYR A 162 7.22 -23.17 20.76
C TYR A 162 7.73 -23.54 22.15
N CYS A 163 8.29 -24.74 22.26
CA CYS A 163 8.67 -25.28 23.55
C CYS A 163 10.08 -24.86 23.96
N GLY A 164 10.77 -24.16 23.06
CA GLY A 164 12.12 -23.73 23.35
C GLY A 164 13.18 -24.70 22.88
N SER A 165 14.43 -24.27 22.94
CA SER A 165 15.58 -25.12 22.59
C SER A 165 15.75 -26.27 23.59
N ALA A 166 15.28 -26.07 24.81
CA ALA A 166 15.34 -27.10 25.83
C ALA A 166 14.61 -26.64 27.08
N ALA A 167 14.10 -27.59 27.86
CA ALA A 167 13.40 -27.25 29.09
C ALA A 167 14.17 -26.15 29.82
N GLU A 168 13.46 -25.15 30.31
CA GLU A 168 14.05 -24.07 31.08
C GLU A 168 15.07 -23.25 30.32
N SER A 169 14.95 -23.25 28.99
CA SER A 169 15.84 -22.45 28.15
C SER A 169 15.62 -20.97 28.38
N GLU A 170 14.46 -20.61 28.93
CA GLU A 170 14.16 -19.21 29.15
C GLU A 170 14.64 -18.79 30.53
N LYS A 171 15.23 -17.59 30.62
CA LYS A 171 15.69 -17.05 31.89
C LYS A 171 14.56 -16.99 32.90
N GLU A 172 13.36 -16.68 32.41
CA GLU A 172 12.23 -16.49 33.31
C GLU A 172 11.77 -17.81 33.89
N THR A 173 11.60 -18.82 33.04
CA THR A 173 11.15 -20.12 33.50
C THR A 173 12.22 -20.76 34.39
N LYS A 174 13.47 -20.54 34.04
CA LYS A 174 14.60 -21.00 34.84
C LYS A 174 14.61 -20.34 36.22
N ALA A 175 14.35 -19.04 36.27
CA ALA A 175 14.31 -18.30 37.53
C ALA A 175 13.23 -18.85 38.44
N LEU A 176 12.06 -19.12 37.87
CA LEU A 176 10.93 -19.63 38.63
C LEU A 176 11.23 -21.03 39.17
N ALA A 177 11.72 -21.90 38.30
CA ALA A 177 11.99 -23.29 38.68
C ALA A 177 13.08 -23.34 39.74
N ASP A 178 14.08 -22.48 39.60
CA ASP A 178 15.15 -22.42 40.59
C ASP A 178 14.60 -22.05 41.96
N PHE A 179 13.71 -21.07 42.00
CA PHE A 179 13.20 -20.59 43.28
C PHE A 179 12.35 -21.65 43.96
N ILE A 180 11.47 -22.29 43.19
CA ILE A 180 10.63 -23.35 43.73
C ILE A 180 11.52 -24.50 44.19
N ARG A 181 12.49 -24.84 43.36
CA ARG A 181 13.43 -25.91 43.67
C ARG A 181 14.13 -25.65 45.00
N ASN A 182 14.48 -24.40 45.25
CA ASN A 182 15.19 -24.01 46.47
C ASN A 182 14.28 -23.90 47.70
N ASN A 183 12.97 -24.02 47.50
CA ASN A 183 12.02 -23.87 48.60
C ASN A 183 11.01 -25.01 48.67
N LEU A 184 11.34 -26.11 48.01
CA LEU A 184 10.44 -27.26 47.95
C LEU A 184 9.93 -27.71 49.31
N SER A 185 10.75 -27.54 50.35
CA SER A 185 10.38 -28.03 51.67
C SER A 185 9.21 -27.23 52.26
N SER A 186 9.07 -25.97 51.86
CA SER A 186 8.09 -25.10 52.48
C SER A 186 6.85 -24.86 51.60
N ILE A 187 7.03 -24.94 50.28
CA ILE A 187 5.93 -24.73 49.35
C ILE A 187 4.97 -25.91 49.34
N LYS A 188 3.71 -25.64 49.67
CA LYS A 188 2.70 -26.67 49.85
C LYS A 188 1.71 -26.76 48.69
N ALA A 189 1.57 -25.67 47.94
CA ALA A 189 0.70 -25.65 46.78
C ALA A 189 1.23 -24.70 45.70
N TYR A 190 0.89 -24.98 44.44
CA TYR A 190 1.30 -24.14 43.33
C TYR A 190 0.08 -23.71 42.53
N LEU A 191 -0.03 -22.40 42.29
CA LEU A 191 -1.17 -21.82 41.60
C LEU A 191 -0.65 -20.89 40.51
N THR A 192 -1.00 -21.19 39.26
CA THR A 192 -0.58 -20.35 38.14
C THR A 192 -1.80 -19.76 37.42
N ILE A 193 -1.79 -18.45 37.22
CA ILE A 193 -2.99 -17.75 36.81
C ILE A 193 -2.97 -17.37 35.33
N HIS A 194 -3.96 -17.86 34.57
CA HIS A 194 -4.08 -17.60 33.14
C HIS A 194 -5.48 -17.10 32.80
N SER A 195 -5.69 -16.76 31.53
CA SER A 195 -7.01 -16.52 30.98
C SER A 195 -6.95 -16.89 29.49
N TYR A 196 -8.09 -17.14 28.85
CA TYR A 196 -9.42 -17.14 29.44
C TYR A 196 -9.97 -18.57 29.27
N SER A 197 -11.20 -18.80 29.74
CA SER A 197 -11.89 -20.09 29.58
C SER A 197 -12.74 -20.43 30.79
N GLN A 198 -12.46 -19.77 31.91
CA GLN A 198 -13.13 -20.07 33.17
C GLN A 198 -13.01 -21.55 33.50
N MET A 199 -11.79 -21.95 33.88
CA MET A 199 -11.48 -23.31 34.28
C MET A 199 -10.54 -23.34 35.49
N ILE A 200 -10.67 -24.37 36.31
CA ILE A 200 -9.58 -24.76 37.21
C ILE A 200 -8.99 -26.08 36.73
N LEU A 201 -7.74 -26.05 36.28
CA LEU A 201 -7.09 -27.25 35.78
C LEU A 201 -6.08 -27.79 36.78
N TYR A 202 -5.98 -29.11 36.86
CA TYR A 202 -4.91 -29.76 37.60
C TYR A 202 -4.34 -30.87 36.72
N PRO A 203 -3.19 -31.45 37.09
CA PRO A 203 -2.49 -32.41 36.24
C PRO A 203 -3.34 -33.63 35.87
N TYR A 204 -2.98 -34.30 34.77
CA TYR A 204 -1.80 -33.95 33.99
C TYR A 204 -2.14 -33.29 32.67
N SER A 205 -1.17 -32.55 32.13
CA SER A 205 -1.34 -31.89 30.84
C SER A 205 -0.42 -32.47 29.77
N TYR A 206 0.68 -33.07 30.19
CA TYR A 206 1.65 -33.60 29.24
C TYR A 206 1.44 -35.08 28.98
N ASP A 207 0.50 -35.68 29.71
CA ASP A 207 0.20 -37.11 29.56
C ASP A 207 -1.16 -37.44 30.16
N TYR A 208 -1.90 -38.32 29.50
CA TYR A 208 -3.25 -38.66 29.93
C TYR A 208 -3.27 -39.43 31.27
N LYS A 209 -2.09 -39.78 31.77
CA LYS A 209 -1.99 -40.43 33.07
C LYS A 209 -2.52 -39.51 34.15
N LEU A 210 -3.09 -40.09 35.20
CA LEU A 210 -3.62 -39.31 36.30
C LEU A 210 -2.62 -39.17 37.43
N PRO A 211 -2.72 -38.07 38.19
CA PRO A 211 -1.92 -37.87 39.40
C PRO A 211 -2.35 -38.85 40.49
N GLU A 212 -1.42 -39.17 41.38
CA GLU A 212 -1.70 -40.11 42.46
C GLU A 212 -2.87 -39.66 43.32
N ASN A 213 -2.95 -38.37 43.63
CA ASN A 213 -4.01 -37.84 44.47
C ASN A 213 -5.15 -37.24 43.64
N ASN A 214 -5.39 -37.85 42.48
CA ASN A 214 -6.38 -37.34 41.54
C ASN A 214 -7.75 -37.14 42.18
N ALA A 215 -8.13 -38.05 43.07
CA ALA A 215 -9.47 -38.02 43.66
C ALA A 215 -9.70 -36.76 44.49
N GLU A 216 -8.74 -36.41 45.34
CA GLU A 216 -8.92 -35.25 46.19
C GLU A 216 -8.77 -33.95 45.40
N LEU A 217 -7.93 -33.99 44.37
CA LEU A 217 -7.75 -32.80 43.53
C LEU A 217 -9.06 -32.44 42.84
N ASN A 218 -9.74 -33.46 42.33
CA ASN A 218 -11.03 -33.22 41.68
C ASN A 218 -12.03 -32.67 42.69
N ASN A 219 -12.07 -33.26 43.89
CA ASN A 219 -12.98 -32.81 44.93
C ASN A 219 -12.64 -31.39 45.36
N LEU A 220 -11.36 -31.05 45.33
CA LEU A 220 -10.91 -29.73 45.74
C LEU A 220 -11.26 -28.70 44.68
N ALA A 221 -10.91 -29.00 43.42
CA ALA A 221 -11.24 -28.11 42.33
C ALA A 221 -12.75 -27.91 42.27
N LYS A 222 -13.49 -28.97 42.53
CA LYS A 222 -14.95 -28.92 42.45
C LYS A 222 -15.53 -27.94 43.47
N ALA A 223 -15.07 -28.01 44.72
CA ALA A 223 -15.61 -27.14 45.76
C ALA A 223 -15.20 -25.70 45.51
N ALA A 224 -14.03 -25.51 44.94
CA ALA A 224 -13.50 -24.18 44.66
C ALA A 224 -14.32 -23.46 43.58
N VAL A 225 -14.70 -24.18 42.53
CA VAL A 225 -15.51 -23.59 41.47
C VAL A 225 -16.93 -23.32 41.98
N LYS A 226 -17.40 -24.17 42.88
CA LYS A 226 -18.69 -23.96 43.53
C LYS A 226 -18.63 -22.66 44.35
N GLU A 227 -17.55 -22.52 45.11
CA GLU A 227 -17.35 -21.33 45.94
C GLU A 227 -17.25 -20.07 45.08
N LEU A 228 -16.48 -20.15 44.02
CA LEU A 228 -16.33 -19.05 43.08
C LEU A 228 -17.68 -18.57 42.54
N ALA A 229 -18.61 -19.50 42.34
CA ALA A 229 -19.89 -19.20 41.70
C ALA A 229 -20.89 -18.51 42.62
N THR A 230 -20.70 -18.66 43.93
CA THR A 230 -21.66 -18.13 44.88
C THR A 230 -21.77 -16.61 44.81
N LEU A 231 -20.74 -15.98 44.26
CA LEU A 231 -20.65 -14.53 44.33
C LEU A 231 -21.42 -13.83 43.21
N TYR A 232 -21.16 -14.24 41.97
CA TYR A 232 -21.80 -13.63 40.81
C TYR A 232 -22.37 -14.68 39.86
N GLY A 233 -22.25 -15.95 40.23
CA GLY A 233 -22.82 -17.00 39.42
C GLY A 233 -21.94 -17.43 38.27
N THR A 234 -20.71 -16.92 38.24
CA THR A 234 -19.75 -17.28 37.18
C THR A 234 -19.42 -18.76 37.27
N LYS A 235 -19.66 -19.48 36.17
CA LYS A 235 -19.48 -20.93 36.17
C LYS A 235 -18.16 -21.36 35.53
N TYR A 236 -17.35 -22.05 36.32
CA TYR A 236 -16.12 -22.66 35.83
C TYR A 236 -16.37 -24.13 35.56
N THR A 237 -15.57 -24.69 34.66
CA THR A 237 -15.39 -26.14 34.59
C THR A 237 -14.03 -26.49 35.18
N TYR A 238 -13.78 -27.78 35.40
CA TYR A 238 -12.57 -28.18 36.10
C TYR A 238 -12.23 -29.63 35.80
N GLY A 239 -10.96 -29.98 35.96
CA GLY A 239 -10.54 -31.35 35.75
C GLY A 239 -9.09 -31.40 35.33
N PRO A 240 -8.58 -32.59 34.96
CA PRO A 240 -7.21 -32.73 34.47
C PRO A 240 -7.01 -31.88 33.20
N GLY A 241 -5.80 -31.36 33.03
CA GLY A 241 -5.53 -30.49 31.89
C GLY A 241 -5.82 -31.17 30.57
N ALA A 242 -5.12 -32.28 30.33
CA ALA A 242 -5.22 -33.01 29.06
C ALA A 242 -6.65 -33.09 28.53
N THR A 243 -7.60 -33.45 29.40
CA THR A 243 -8.96 -33.70 28.94
C THR A 243 -9.91 -32.52 29.11
N THR A 244 -9.59 -31.61 30.04
CA THR A 244 -10.51 -30.53 30.37
C THR A 244 -10.48 -29.41 29.37
N ILE A 245 -9.33 -29.23 28.72
CA ILE A 245 -9.21 -28.19 27.72
C ILE A 245 -8.50 -28.73 26.48
N TYR A 246 -7.21 -29.02 26.62
CA TYR A 246 -6.45 -29.71 25.59
C TYR A 246 -5.07 -30.07 26.14
N PRO A 247 -4.46 -31.13 25.60
CA PRO A 247 -3.10 -31.54 25.97
C PRO A 247 -2.11 -30.45 25.68
N ALA A 248 -1.13 -30.30 26.57
CA ALA A 248 -0.08 -29.30 26.41
C ALA A 248 1.05 -29.63 27.39
N ALA A 249 2.14 -30.17 26.86
CA ALA A 249 3.26 -30.61 27.68
C ALA A 249 4.16 -29.44 28.06
N GLY A 250 4.94 -29.61 29.13
CA GLY A 250 5.90 -28.60 29.51
C GLY A 250 5.31 -27.56 30.43
N GLY A 251 4.12 -27.83 30.95
CA GLY A 251 3.42 -26.86 31.77
C GLY A 251 4.01 -26.73 33.16
N SER A 252 3.96 -25.52 33.71
CA SER A 252 4.56 -25.28 35.03
C SER A 252 3.83 -26.05 36.12
N ASP A 253 2.52 -26.19 35.99
CA ASP A 253 1.76 -26.88 37.02
C ASP A 253 2.06 -28.38 37.06
N ASP A 254 2.17 -28.99 35.88
CA ASP A 254 2.56 -30.40 35.82
C ASP A 254 3.93 -30.61 36.43
N TRP A 255 4.85 -29.73 36.09
CA TRP A 255 6.20 -29.80 36.64
C TRP A 255 6.19 -29.60 38.16
N ALA A 256 5.45 -28.60 38.61
CA ALA A 256 5.34 -28.33 40.04
C ALA A 256 4.85 -29.58 40.75
N TYR A 257 3.80 -30.20 40.22
CA TYR A 257 3.25 -31.39 40.83
C TYR A 257 4.30 -32.47 40.94
N ASP A 258 4.99 -32.76 39.84
CA ASP A 258 5.96 -33.84 39.80
C ASP A 258 7.19 -33.53 40.64
N GLN A 259 7.26 -32.30 41.15
CA GLN A 259 8.28 -31.92 42.11
C GLN A 259 7.90 -32.36 43.52
N GLY A 260 6.63 -32.71 43.72
CA GLY A 260 6.17 -33.13 45.03
C GLY A 260 5.14 -32.19 45.62
N ILE A 261 4.83 -31.12 44.91
CA ILE A 261 3.79 -30.18 45.33
C ILE A 261 2.43 -30.73 44.94
N LYS A 262 1.74 -31.32 45.92
CA LYS A 262 0.57 -32.15 45.63
C LYS A 262 -0.66 -31.35 45.22
N TYR A 263 -0.66 -30.06 45.56
CA TYR A 263 -1.78 -29.20 45.24
C TYR A 263 -1.38 -28.17 44.19
N SER A 264 -1.54 -28.55 42.93
CA SER A 264 -1.08 -27.73 41.83
C SER A 264 -2.20 -27.46 40.84
N PHE A 265 -2.41 -26.18 40.53
CA PHE A 265 -3.59 -25.78 39.79
C PHE A 265 -3.27 -24.70 38.78
N THR A 266 -3.94 -24.75 37.63
CA THR A 266 -3.96 -23.65 36.71
C THR A 266 -5.35 -23.06 36.65
N PHE A 267 -5.46 -21.77 36.92
CA PHE A 267 -6.72 -21.06 36.78
C PHE A 267 -6.82 -20.39 35.42
N GLU A 268 -7.96 -20.60 34.76
CA GLU A 268 -8.31 -19.83 33.57
C GLU A 268 -9.45 -18.90 33.94
N LEU A 269 -9.19 -17.59 33.93
CA LEU A 269 -10.19 -16.64 34.39
C LEU A 269 -11.20 -16.27 33.28
N ARG A 270 -12.02 -15.25 33.54
CA ARG A 270 -13.01 -14.81 32.56
C ARG A 270 -12.31 -14.39 31.27
N ASP A 271 -13.04 -14.38 30.15
CA ASP A 271 -14.39 -14.94 30.09
C ASP A 271 -14.34 -16.26 29.32
N LYS A 272 -15.37 -16.53 28.52
CA LYS A 272 -15.37 -17.77 27.73
C LYS A 272 -15.24 -17.49 26.24
N GLY A 273 -14.91 -16.24 25.90
CA GLY A 273 -14.58 -15.94 24.51
C GLY A 273 -15.27 -14.71 23.97
N ARG A 274 -16.25 -14.20 24.70
CA ARG A 274 -16.92 -12.97 24.31
C ARG A 274 -15.88 -11.89 24.04
N TYR A 275 -15.05 -11.61 25.03
CA TYR A 275 -13.97 -10.66 24.88
C TYR A 275 -12.60 -11.33 24.82
N GLY A 276 -12.54 -12.58 25.28
CA GLY A 276 -11.27 -13.29 25.26
C GLY A 276 -10.21 -12.61 26.10
N PHE A 277 -9.02 -12.40 25.51
CA PHE A 277 -7.89 -11.80 26.21
C PHE A 277 -8.11 -10.32 26.46
N ILE A 278 -9.03 -9.73 25.71
CA ILE A 278 -9.28 -8.30 25.81
C ILE A 278 -10.44 -8.06 26.78
N LEU A 279 -10.35 -8.65 27.96
CA LEU A 279 -11.40 -8.51 28.95
C LEU A 279 -11.51 -7.04 29.37
N PRO A 280 -12.71 -6.46 29.29
CA PRO A 280 -12.89 -5.05 29.66
C PRO A 280 -12.44 -4.78 31.10
N GLU A 281 -11.92 -3.58 31.32
CA GLU A 281 -11.48 -3.24 32.67
C GLU A 281 -12.65 -3.23 33.65
N SER A 282 -13.86 -3.15 33.11
CA SER A 282 -15.07 -3.09 33.93
C SER A 282 -15.41 -4.44 34.56
N GLN A 283 -14.68 -5.48 34.17
CA GLN A 283 -14.89 -6.81 34.75
C GLN A 283 -13.76 -7.19 35.68
N ILE A 284 -12.77 -6.32 35.79
CA ILE A 284 -11.62 -6.59 36.63
C ILE A 284 -12.04 -6.87 38.08
N GLN A 285 -12.88 -6.00 38.63
CA GLN A 285 -13.28 -6.12 40.04
C GLN A 285 -14.03 -7.42 40.33
N ALA A 286 -15.04 -7.70 39.52
CA ALA A 286 -15.88 -8.87 39.76
C ALA A 286 -15.07 -10.14 39.53
N THR A 287 -14.25 -10.13 38.48
CA THR A 287 -13.41 -11.28 38.18
C THR A 287 -12.45 -11.61 39.33
N CYS A 288 -11.76 -10.60 39.86
CA CYS A 288 -10.78 -10.83 40.92
C CYS A 288 -11.48 -11.24 42.19
N GLU A 289 -12.65 -10.66 42.42
CA GLU A 289 -13.43 -10.90 43.62
C GLU A 289 -13.85 -12.36 43.74
N GLU A 290 -14.39 -12.91 42.66
CA GLU A 290 -14.87 -14.28 42.68
C GLU A 290 -13.67 -15.22 42.73
N THR A 291 -12.59 -14.85 42.03
CA THR A 291 -11.36 -15.64 42.04
C THR A 291 -10.71 -15.67 43.43
N MET A 292 -10.78 -14.55 44.14
CA MET A 292 -10.28 -14.51 45.51
C MET A 292 -10.88 -15.63 46.35
N LEU A 293 -12.18 -15.86 46.18
CA LEU A 293 -12.89 -16.86 46.97
C LEU A 293 -12.37 -18.27 46.70
N ALA A 294 -12.03 -18.55 45.45
CA ALA A 294 -11.54 -19.88 45.08
C ALA A 294 -10.11 -20.05 45.58
N ILE A 295 -9.35 -18.97 45.60
CA ILE A 295 -7.99 -19.03 46.06
C ILE A 295 -7.97 -19.22 47.57
N LYS A 296 -8.82 -18.48 48.28
CA LYS A 296 -8.93 -18.63 49.73
C LYS A 296 -9.53 -19.97 50.13
N TYR A 297 -10.42 -20.52 49.31
CA TYR A 297 -10.96 -21.83 49.62
C TYR A 297 -9.85 -22.86 49.56
N VAL A 298 -9.09 -22.84 48.47
CA VAL A 298 -7.94 -23.72 48.33
C VAL A 298 -6.98 -23.54 49.50
N THR A 299 -6.60 -22.29 49.77
CA THR A 299 -5.68 -21.98 50.85
C THR A 299 -6.17 -22.57 52.17
N ASN A 300 -7.45 -22.42 52.45
CA ASN A 300 -8.03 -22.92 53.70
C ASN A 300 -7.89 -24.44 53.74
N TYR A 301 -8.08 -25.07 52.58
CA TYR A 301 -7.98 -26.53 52.52
C TYR A 301 -6.55 -27.02 52.71
N VAL A 302 -5.62 -26.44 51.96
CA VAL A 302 -4.21 -26.82 52.07
C VAL A 302 -3.75 -26.65 53.52
N LEU A 303 -4.17 -25.55 54.13
CA LEU A 303 -3.75 -25.22 55.48
C LEU A 303 -4.19 -26.29 56.49
N GLY A 304 -5.43 -26.73 56.36
CA GLY A 304 -5.93 -27.77 57.24
C GLY A 304 -5.40 -29.14 56.87
N HIS A 305 -4.44 -29.17 55.95
CA HIS A 305 -3.87 -30.43 55.48
C HIS A 305 -2.34 -30.37 55.40
N LEU A 306 -1.72 -29.89 56.48
CA LEU A 306 -0.27 -29.76 56.52
C LEU A 306 0.40 -30.96 57.18
N GLY B 3 -10.93 -22.53 10.46
CA GLY B 3 -10.20 -23.37 9.52
C GLY B 3 -9.84 -22.65 8.23
N HIS B 4 -8.91 -23.24 7.47
CA HIS B 4 -8.46 -22.67 6.20
C HIS B 4 -9.29 -23.20 5.03
N SER B 5 -9.63 -22.30 4.11
CA SER B 5 -10.22 -22.72 2.83
C SER B 5 -9.57 -21.97 1.67
N TYR B 6 -9.32 -22.67 0.57
CA TYR B 6 -8.72 -22.04 -0.61
C TYR B 6 -9.75 -21.26 -1.44
N GLU B 7 -11.03 -21.40 -1.11
CA GLU B 7 -12.09 -20.65 -1.77
C GLU B 7 -12.79 -19.72 -0.81
N LYS B 8 -12.13 -19.42 0.31
CA LYS B 8 -12.55 -18.31 1.15
C LYS B 8 -11.35 -17.41 1.42
N TYR B 9 -11.60 -16.14 1.73
CA TYR B 9 -10.52 -15.29 2.18
C TYR B 9 -10.24 -15.63 3.63
N ASN B 10 -8.97 -15.90 3.95
CA ASN B 10 -8.58 -16.33 5.29
C ASN B 10 -7.94 -15.18 6.04
N ASN B 11 -8.27 -15.02 7.32
CA ASN B 11 -7.58 -14.03 8.13
C ASN B 11 -6.14 -14.46 8.39
N TRP B 12 -5.31 -13.55 8.89
CA TRP B 12 -3.87 -13.84 9.03
C TRP B 12 -3.60 -15.03 9.93
N GLU B 13 -4.29 -15.11 11.07
CA GLU B 13 -4.05 -16.21 11.99
C GLU B 13 -4.22 -17.53 11.25
N THR B 14 -5.22 -17.59 10.37
CA THR B 14 -5.51 -18.81 9.60
C THR B 14 -4.42 -19.04 8.55
N ILE B 15 -3.99 -17.97 7.87
CA ILE B 15 -2.94 -18.09 6.87
C ILE B 15 -1.63 -18.55 7.51
N GLU B 16 -1.30 -17.98 8.67
CA GLU B 16 -0.09 -18.37 9.39
C GLU B 16 -0.13 -19.85 9.76
N ALA B 17 -1.27 -20.30 10.29
CA ALA B 17 -1.45 -21.72 10.63
C ALA B 17 -1.36 -22.58 9.37
N TRP B 18 -1.82 -22.02 8.25
CA TRP B 18 -1.74 -22.73 6.98
C TRP B 18 -0.29 -22.91 6.53
N THR B 19 0.52 -21.87 6.64
CA THR B 19 1.93 -21.97 6.23
C THR B 19 2.65 -23.05 7.01
N LYS B 20 2.33 -23.18 8.29
CA LYS B 20 2.87 -24.25 9.11
C LYS B 20 2.38 -25.60 8.62
N GLN B 21 1.06 -25.74 8.48
CA GLN B 21 0.43 -27.01 8.12
C GLN B 21 0.89 -27.50 6.75
N VAL B 22 0.77 -26.66 5.73
CA VAL B 22 1.10 -27.09 4.38
C VAL B 22 2.59 -27.46 4.29
N THR B 23 3.43 -26.79 5.08
CA THR B 23 4.84 -27.12 5.12
C THR B 23 5.07 -28.45 5.83
N SER B 24 4.43 -28.63 6.99
CA SER B 24 4.52 -29.87 7.74
C SER B 24 4.12 -31.07 6.89
N GLU B 25 3.11 -30.87 6.05
CA GLU B 25 2.56 -31.95 5.25
C GLU B 25 3.42 -32.26 4.03
N ASN B 26 4.24 -31.30 3.61
CA ASN B 26 4.99 -31.45 2.36
C ASN B 26 6.47 -31.03 2.49
N PRO B 27 7.19 -31.59 3.48
CA PRO B 27 8.57 -31.14 3.72
C PRO B 27 9.50 -31.50 2.57
N ASP B 28 9.04 -32.41 1.71
CA ASP B 28 9.84 -32.80 0.55
C ASP B 28 9.73 -31.80 -0.59
N LEU B 29 8.78 -30.87 -0.48
CA LEU B 29 8.62 -29.86 -1.52
C LEU B 29 8.59 -28.42 -1.01
N ILE B 30 8.34 -28.24 0.30
CA ILE B 30 8.21 -26.91 0.90
C ILE B 30 9.11 -26.74 2.11
N SER B 31 9.85 -25.63 2.15
CA SER B 31 10.51 -25.18 3.38
C SER B 31 9.94 -23.82 3.76
N ARG B 32 9.69 -23.61 5.04
CA ARG B 32 9.23 -22.31 5.51
C ARG B 32 10.34 -21.60 6.31
N THR B 33 10.59 -20.35 5.96
CA THR B 33 11.43 -19.49 6.78
C THR B 33 10.65 -18.24 7.11
N ALA B 34 11.17 -17.43 8.03
CA ALA B 34 10.72 -16.05 8.20
C ALA B 34 11.87 -15.20 7.71
N ILE B 35 11.59 -14.13 6.97
CA ILE B 35 12.66 -13.29 6.47
C ILE B 35 12.72 -11.95 7.21
N GLY B 36 11.87 -11.82 8.22
CA GLY B 36 11.86 -10.61 9.03
C GLY B 36 10.59 -10.51 9.85
N THR B 37 10.42 -9.40 10.55
CA THR B 37 9.20 -9.14 11.31
C THR B 37 8.57 -7.84 10.83
N THR B 38 7.25 -7.75 10.91
CA THR B 38 6.54 -6.53 10.53
C THR B 38 6.70 -5.48 11.62
N PHE B 39 6.19 -4.28 11.35
CA PHE B 39 6.20 -3.19 12.32
C PHE B 39 5.53 -3.62 13.63
N LEU B 40 4.53 -4.50 13.54
CA LEU B 40 3.78 -4.90 14.71
C LEU B 40 4.23 -6.24 15.29
N GLY B 41 5.33 -6.77 14.75
CA GLY B 41 5.92 -7.98 15.32
C GLY B 41 5.43 -9.29 14.72
N ASN B 42 4.71 -9.22 13.60
CA ASN B 42 4.25 -10.44 12.95
C ASN B 42 5.36 -11.04 12.10
N ASN B 43 5.32 -12.36 11.90
CA ASN B 43 6.36 -13.06 11.15
C ASN B 43 6.12 -13.04 9.64
N ILE B 44 7.10 -12.53 8.91
CA ILE B 44 7.01 -12.49 7.44
C ILE B 44 7.51 -13.81 6.89
N TYR B 45 6.58 -14.73 6.61
CA TYR B 45 6.97 -16.06 6.19
C TYR B 45 7.30 -16.09 4.71
N LEU B 46 8.24 -16.97 4.35
CA LEU B 46 8.53 -17.25 2.96
C LEU B 46 8.47 -18.77 2.79
N LEU B 47 7.79 -19.23 1.75
CA LEU B 47 7.76 -20.65 1.43
C LEU B 47 8.65 -20.91 0.24
N LYS B 48 9.62 -21.80 0.42
CA LYS B 48 10.46 -22.23 -0.68
C LYS B 48 9.86 -23.50 -1.22
N VAL B 49 9.41 -23.44 -2.47
CA VAL B 49 8.65 -24.53 -3.06
C VAL B 49 9.42 -25.11 -4.24
N GLY B 50 9.68 -26.41 -4.17
CA GLY B 50 10.51 -27.05 -5.19
C GLY B 50 11.23 -28.26 -4.65
N LYS B 51 11.64 -29.15 -5.56
CA LYS B 51 12.37 -30.34 -5.17
C LYS B 51 13.79 -29.92 -4.84
N PRO B 52 14.18 -30.01 -3.57
CA PRO B 52 15.47 -29.42 -3.16
C PRO B 52 16.64 -29.99 -3.96
N GLY B 53 17.64 -29.16 -4.24
CA GLY B 53 18.74 -29.59 -5.07
C GLY B 53 19.83 -28.54 -5.14
N PRO B 54 20.99 -28.88 -5.72
CA PRO B 54 22.15 -28.00 -5.86
C PRO B 54 22.00 -26.92 -6.93
N ASN B 55 22.41 -25.70 -6.62
CA ASN B 55 22.57 -24.65 -7.61
C ASN B 55 21.32 -24.38 -8.44
N LYS B 56 20.14 -24.47 -7.81
CA LYS B 56 18.90 -24.27 -8.53
C LYS B 56 18.60 -22.79 -8.72
N PRO B 57 18.17 -22.40 -9.92
CA PRO B 57 17.70 -21.03 -10.14
C PRO B 57 16.37 -20.88 -9.40
N ALA B 58 15.92 -19.64 -9.23
CA ALA B 58 14.66 -19.43 -8.52
C ALA B 58 13.78 -18.40 -9.20
N ILE B 59 12.48 -18.51 -8.94
CA ILE B 59 11.52 -17.46 -9.25
C ILE B 59 10.92 -16.97 -7.94
N PHE B 60 10.87 -15.66 -7.76
CA PHE B 60 10.30 -15.09 -6.55
C PHE B 60 8.91 -14.53 -6.84
N MET B 61 7.94 -14.88 -6.01
CA MET B 61 6.59 -14.33 -6.14
C MET B 61 6.07 -13.93 -4.76
N ASP B 62 5.58 -12.70 -4.66
CA ASP B 62 4.94 -12.26 -3.42
C ASP B 62 3.48 -11.86 -3.64
N CYS B 63 2.68 -11.94 -2.58
CA CYS B 63 1.32 -11.46 -2.60
C CYS B 63 1.09 -10.53 -1.39
N GLY B 64 0.04 -9.73 -1.45
CA GLY B 64 -0.41 -9.03 -0.26
C GLY B 64 0.42 -7.82 0.11
N PHE B 65 1.09 -7.21 -0.88
CA PHE B 65 1.67 -5.88 -0.71
C PHE B 65 0.63 -4.90 -0.17
N HIS B 66 -0.54 -4.89 -0.80
CA HIS B 66 -1.60 -3.96 -0.45
C HIS B 66 -2.74 -4.68 0.27
N ALA B 67 -3.13 -4.17 1.43
CA ALA B 67 -3.95 -4.92 2.38
C ALA B 67 -5.35 -5.31 1.87
N ARG B 68 -6.02 -4.40 1.17
CA ARG B 68 -7.39 -4.64 0.73
C ARG B 68 -7.51 -5.56 -0.48
N GLU B 69 -6.39 -5.90 -1.11
CA GLU B 69 -6.41 -6.68 -2.34
C GLU B 69 -6.43 -8.16 -2.01
N TRP B 70 -7.50 -8.60 -1.37
CA TRP B 70 -7.58 -9.94 -0.79
C TRP B 70 -7.44 -11.08 -1.80
N ILE B 71 -7.74 -10.85 -3.06
CA ILE B 71 -7.63 -11.92 -4.05
C ILE B 71 -6.16 -12.27 -4.28
N SER B 72 -5.29 -11.29 -4.03
CA SER B 72 -3.84 -11.48 -4.11
C SER B 72 -3.36 -12.55 -3.10
N HIS B 73 -3.71 -12.36 -1.83
CA HIS B 73 -3.29 -13.29 -0.79
C HIS B 73 -3.80 -14.69 -1.14
N ALA B 74 -5.05 -14.74 -1.61
CA ALA B 74 -5.70 -16.00 -1.93
C ALA B 74 -4.97 -16.75 -3.03
N PHE B 75 -4.40 -16.02 -3.99
CA PHE B 75 -3.71 -16.69 -5.09
C PHE B 75 -2.39 -17.35 -4.71
N CYS B 76 -1.58 -16.72 -3.87
CA CYS B 76 -0.35 -17.35 -3.40
C CYS B 76 -0.63 -18.68 -2.70
N GLN B 77 -1.71 -18.72 -1.92
CA GLN B 77 -2.09 -19.95 -1.25
C GLN B 77 -2.50 -20.99 -2.29
N TRP B 78 -3.33 -20.58 -3.24
CA TRP B 78 -3.80 -21.46 -4.29
C TRP B 78 -2.64 -22.05 -5.08
N PHE B 79 -1.66 -21.20 -5.38
CA PHE B 79 -0.49 -21.62 -6.16
C PHE B 79 0.25 -22.74 -5.44
N VAL B 80 0.45 -22.56 -4.13
CA VAL B 80 1.23 -23.51 -3.37
C VAL B 80 0.58 -24.88 -3.33
N ARG B 81 -0.74 -24.92 -3.17
CA ARG B 81 -1.43 -26.21 -3.21
C ARG B 81 -1.25 -26.86 -4.58
N GLU B 82 -1.53 -26.11 -5.63
CA GLU B 82 -1.43 -26.65 -6.97
C GLU B 82 -0.02 -27.21 -7.20
N ALA B 83 0.98 -26.49 -6.71
CA ALA B 83 2.36 -26.94 -6.86
C ALA B 83 2.59 -28.31 -6.24
N VAL B 84 2.21 -28.47 -4.98
CA VAL B 84 2.51 -29.70 -4.26
C VAL B 84 1.59 -30.85 -4.68
N LEU B 85 0.36 -30.53 -5.09
CA LEU B 85 -0.58 -31.59 -5.44
C LEU B 85 -0.33 -32.21 -6.81
N THR B 86 0.12 -31.38 -7.77
CA THR B 86 0.35 -31.89 -9.12
C THR B 86 1.79 -32.31 -9.39
N TYR B 87 2.69 -32.05 -8.42
CA TYR B 87 4.07 -32.48 -8.60
C TYR B 87 4.15 -33.99 -8.72
N GLY B 88 4.83 -34.45 -9.76
CA GLY B 88 4.94 -35.87 -10.01
C GLY B 88 3.91 -36.37 -11.00
N TYR B 89 2.93 -35.52 -11.32
CA TYR B 89 1.82 -35.93 -12.16
C TYR B 89 1.66 -35.07 -13.40
N GLU B 90 1.63 -33.75 -13.21
CA GLU B 90 1.59 -32.82 -14.33
C GLU B 90 3.02 -32.52 -14.77
N SER B 91 3.36 -32.89 -16.01
CA SER B 91 4.75 -32.93 -16.42
C SER B 91 5.43 -31.56 -16.31
N HIS B 92 4.71 -30.52 -16.66
CA HIS B 92 5.28 -29.18 -16.62
C HIS B 92 5.62 -28.70 -15.20
N MET B 93 4.66 -28.83 -14.29
CA MET B 93 4.92 -28.44 -12.89
C MET B 93 5.98 -29.34 -12.26
N THR B 94 6.02 -30.60 -12.66
CA THR B 94 7.07 -31.50 -12.20
C THR B 94 8.42 -30.99 -12.68
N GLU B 95 8.48 -30.58 -13.95
CA GLU B 95 9.71 -30.04 -14.50
C GLU B 95 10.11 -28.77 -13.76
N PHE B 96 9.12 -27.90 -13.51
CA PHE B 96 9.40 -26.64 -12.82
C PHE B 96 10.09 -26.88 -11.49
N LEU B 97 9.52 -27.75 -10.66
CA LEU B 97 9.98 -27.88 -9.28
C LEU B 97 11.26 -28.71 -9.20
N ASN B 98 11.54 -29.49 -10.24
CA ASN B 98 12.80 -30.20 -10.30
C ASN B 98 13.94 -29.25 -10.65
N LYS B 99 13.69 -28.34 -11.60
CA LYS B 99 14.73 -27.46 -12.13
C LYS B 99 14.93 -26.15 -11.38
N LEU B 100 13.87 -25.62 -10.77
CA LEU B 100 13.99 -24.35 -10.07
C LEU B 100 13.20 -24.36 -8.76
N ASP B 101 13.40 -23.33 -7.95
CA ASP B 101 12.61 -23.14 -6.74
C ASP B 101 11.67 -21.95 -6.93
N PHE B 102 10.46 -22.06 -6.40
CA PHE B 102 9.57 -20.92 -6.29
C PHE B 102 9.67 -20.41 -4.86
N TYR B 103 10.14 -19.17 -4.70
CA TYR B 103 10.02 -18.51 -3.42
C TYR B 103 8.68 -17.80 -3.39
N VAL B 104 7.79 -18.26 -2.52
CA VAL B 104 6.46 -17.69 -2.44
C VAL B 104 6.28 -16.99 -1.12
N LEU B 105 5.98 -15.69 -1.18
CA LEU B 105 5.78 -14.89 0.02
C LEU B 105 4.30 -14.56 0.09
N PRO B 106 3.56 -15.31 0.91
CA PRO B 106 2.09 -15.27 0.83
C PRO B 106 1.44 -13.95 1.23
N VAL B 107 2.03 -13.27 2.22
CA VAL B 107 1.54 -11.96 2.63
C VAL B 107 2.68 -11.08 3.10
N LEU B 108 3.01 -10.05 2.32
CA LEU B 108 4.03 -9.11 2.73
C LEU B 108 3.51 -8.15 3.80
N ASN B 109 2.41 -7.47 3.51
CA ASN B 109 1.90 -6.44 4.40
C ASN B 109 0.89 -7.05 5.40
N ILE B 110 1.40 -7.79 6.36
CA ILE B 110 0.55 -8.52 7.29
C ILE B 110 -0.20 -7.59 8.22
N ASP B 111 0.46 -6.55 8.70
CA ASP B 111 -0.18 -5.59 9.61
C ASP B 111 -1.40 -4.95 8.95
N GLY B 112 -1.21 -4.50 7.70
CA GLY B 112 -2.31 -3.87 6.99
C GLY B 112 -3.45 -4.84 6.76
N TYR B 113 -3.11 -6.07 6.41
CA TYR B 113 -4.11 -7.10 6.15
C TYR B 113 -5.02 -7.29 7.37
N ILE B 114 -4.42 -7.48 8.53
CA ILE B 114 -5.19 -7.67 9.76
C ILE B 114 -6.14 -6.48 9.96
N TYR B 115 -5.65 -5.28 9.67
CA TYR B 115 -6.43 -4.06 9.85
C TYR B 115 -7.66 -4.07 8.92
N THR B 116 -7.53 -4.65 7.73
CA THR B 116 -8.68 -4.73 6.82
C THR B 116 -9.72 -5.73 7.30
N TRP B 117 -9.30 -6.67 8.15
CA TRP B 117 -10.21 -7.63 8.78
C TRP B 117 -10.84 -7.10 10.07
N THR B 118 -10.21 -6.11 10.70
CA THR B 118 -10.63 -5.67 12.02
C THR B 118 -11.24 -4.27 12.05
N LYS B 119 -10.71 -3.36 11.24
CA LYS B 119 -11.08 -1.95 11.35
C LYS B 119 -11.60 -1.33 10.07
N ASN B 120 -10.90 -1.59 8.96
CA ASN B 120 -11.16 -0.85 7.72
C ASN B 120 -10.78 -1.69 6.51
N ARG B 121 -11.78 -2.30 5.89
CA ARG B 121 -11.60 -3.22 4.77
C ARG B 121 -10.90 -2.55 3.59
N MET B 122 -10.97 -1.23 3.52
CA MET B 122 -10.39 -0.52 2.39
C MET B 122 -8.99 0.02 2.66
N TRP B 123 -8.36 -0.44 3.73
CA TRP B 123 -6.99 -0.02 4.04
C TRP B 123 -6.00 -0.62 3.04
N ARG B 124 -4.96 0.15 2.72
CA ARG B 124 -4.01 -0.22 1.66
C ARG B 124 -2.57 -0.31 2.16
N LYS B 125 -2.15 0.70 2.91
CA LYS B 125 -0.75 0.85 3.31
C LYS B 125 -0.36 -0.05 4.47
N THR B 126 0.85 0.15 4.97
CA THR B 126 1.30 -0.56 6.16
C THR B 126 0.65 0.08 7.39
N ARG B 127 1.10 -0.30 8.58
CA ARG B 127 0.53 0.23 9.81
C ARG B 127 1.57 0.85 10.74
N SER B 128 2.72 1.19 10.18
CA SER B 128 3.78 1.85 10.96
C SER B 128 3.40 3.30 11.26
N THR B 129 3.95 3.84 12.35
CA THR B 129 3.64 5.22 12.73
C THR B 129 4.51 6.17 11.92
N ASN B 130 4.08 7.41 11.82
CA ASN B 130 4.84 8.43 11.13
C ASN B 130 5.13 9.62 12.04
N ALA B 131 6.35 10.09 12.03
CA ALA B 131 6.76 11.18 12.90
C ALA B 131 5.91 12.42 12.65
N GLY B 132 5.48 13.07 13.72
CA GLY B 132 4.87 14.38 13.61
C GLY B 132 3.42 14.41 13.13
N THR B 133 2.79 13.25 13.06
CA THR B 133 1.42 13.14 12.55
C THR B 133 0.73 11.90 13.11
N THR B 134 -0.60 11.94 13.14
CA THR B 134 -1.35 10.77 13.56
C THR B 134 -1.63 9.84 12.38
N CYS B 135 -1.35 10.30 11.17
CA CYS B 135 -1.59 9.45 10.00
C CYS B 135 -0.64 8.25 10.00
N ILE B 136 -1.19 7.09 9.65
CA ILE B 136 -0.50 5.82 9.77
C ILE B 136 -0.19 5.25 8.39
N GLY B 137 0.97 4.63 8.26
CA GLY B 137 1.18 3.73 7.14
C GLY B 137 1.95 4.31 5.98
N THR B 138 2.72 3.45 5.33
CA THR B 138 3.44 3.78 4.12
C THR B 138 2.97 2.86 3.00
N ASP B 139 2.99 3.35 1.77
CA ASP B 139 2.67 2.52 0.62
C ASP B 139 3.89 1.68 0.29
N PRO B 140 3.82 0.37 0.57
CA PRO B 140 4.96 -0.50 0.32
C PRO B 140 5.40 -0.53 -1.15
N ASN B 141 4.48 -0.27 -2.06
CA ASN B 141 4.81 -0.28 -3.48
C ASN B 141 5.19 1.11 -3.96
N ARG B 142 5.45 2.01 -3.01
CA ARG B 142 6.15 3.27 -3.30
C ARG B 142 7.42 3.39 -2.46
N ASN B 143 7.78 2.31 -1.76
CA ASN B 143 8.83 2.38 -0.74
C ASN B 143 10.13 1.68 -1.15
N PHE B 144 10.23 1.25 -2.41
CA PHE B 144 11.46 0.59 -2.87
C PHE B 144 12.40 1.56 -3.58
N ASP B 145 13.65 1.14 -3.75
CA ASP B 145 14.69 2.01 -4.28
C ASP B 145 14.65 1.99 -5.81
N ALA B 146 13.56 2.51 -6.39
CA ALA B 146 13.44 2.60 -7.84
C ALA B 146 12.85 3.97 -8.19
N GLY B 147 13.68 4.86 -8.71
CA GLY B 147 13.29 6.26 -8.83
C GLY B 147 12.51 6.72 -7.62
N TRP B 148 12.98 6.38 -6.43
CA TRP B 148 12.14 6.46 -5.24
C TRP B 148 11.55 7.84 -4.99
N CYS B 149 10.22 7.86 -4.86
CA CYS B 149 9.43 9.03 -4.51
C CYS B 149 9.58 10.19 -5.47
N THR B 150 9.92 9.92 -6.72
CA THR B 150 10.16 10.98 -7.67
C THR B 150 8.92 11.35 -8.48
N THR B 151 8.00 10.39 -8.61
CA THR B 151 6.81 10.60 -9.40
C THR B 151 5.75 9.56 -9.03
N GLY B 152 4.49 9.95 -9.06
CA GLY B 152 3.41 9.02 -8.77
C GLY B 152 3.43 8.55 -7.33
N ALA B 153 4.08 9.33 -6.47
CA ALA B 153 4.14 9.04 -5.05
C ALA B 153 3.98 10.34 -4.27
N SER B 154 3.67 10.23 -2.99
CA SER B 154 3.37 11.41 -2.19
C SER B 154 4.31 11.50 -1.01
N THR B 155 4.73 12.71 -0.69
CA THR B 155 5.56 12.95 0.48
C THR B 155 4.71 13.23 1.71
N ASP B 156 3.39 13.15 1.56
CA ASP B 156 2.45 13.38 2.66
C ASP B 156 2.11 12.04 3.32
N PRO B 157 2.44 11.89 4.60
CA PRO B 157 2.19 10.62 5.29
C PRO B 157 0.72 10.22 5.33
N CYS B 158 -0.17 11.17 5.05
CA CYS B 158 -1.60 10.89 5.13
C CYS B 158 -2.18 10.33 3.84
N ASP B 159 -1.38 10.35 2.78
CA ASP B 159 -1.85 9.90 1.48
C ASP B 159 -1.69 8.39 1.28
N GLU B 160 -2.50 7.83 0.38
CA GLU B 160 -2.48 6.40 0.08
C GLU B 160 -1.20 5.94 -0.61
N THR B 161 -0.51 6.87 -1.26
CA THR B 161 0.76 6.55 -1.91
C THR B 161 1.96 7.19 -1.23
N TYR B 162 1.82 7.44 0.08
CA TYR B 162 2.95 7.98 0.82
C TYR B 162 4.16 7.06 0.64
N CYS B 163 5.29 7.66 0.28
CA CYS B 163 6.45 6.90 -0.15
C CYS B 163 7.40 6.52 0.99
N GLY B 164 7.08 6.99 2.20
CA GLY B 164 7.93 6.69 3.34
C GLY B 164 8.98 7.76 3.57
N SER B 165 9.73 7.64 4.66
CA SER B 165 10.77 8.61 4.98
C SER B 165 11.99 8.47 4.08
N ALA B 166 12.23 7.23 3.64
CA ALA B 166 13.32 6.93 2.73
C ALA B 166 13.04 5.55 2.12
N ALA B 167 13.71 5.22 1.02
CA ALA B 167 13.56 3.87 0.45
C ALA B 167 13.85 2.82 1.52
N GLU B 168 12.99 1.79 1.58
CA GLU B 168 13.15 0.67 2.51
C GLU B 168 13.04 1.07 3.99
N SER B 169 12.39 2.21 4.24
CA SER B 169 12.17 2.65 5.61
C SER B 169 11.22 1.72 6.37
N GLU B 170 10.43 0.95 5.63
CA GLU B 170 9.50 0.00 6.24
C GLU B 170 10.21 -1.33 6.49
N LYS B 171 10.03 -1.92 7.67
CA LYS B 171 10.63 -3.21 7.96
C LYS B 171 10.31 -4.25 6.90
N GLU B 172 9.07 -4.26 6.42
CA GLU B 172 8.62 -5.29 5.49
C GLU B 172 9.31 -5.20 4.13
N THR B 173 9.53 -3.97 3.65
CA THR B 173 10.15 -3.78 2.34
C THR B 173 11.66 -3.94 2.43
N LYS B 174 12.23 -3.56 3.57
CA LYS B 174 13.63 -3.81 3.85
C LYS B 174 13.87 -5.31 3.87
N ALA B 175 13.02 -6.04 4.58
CA ALA B 175 13.12 -7.49 4.66
C ALA B 175 13.07 -8.17 3.30
N LEU B 176 12.17 -7.72 2.42
CA LEU B 176 12.03 -8.33 1.11
C LEU B 176 13.24 -7.97 0.25
N ALA B 177 13.63 -6.70 0.26
CA ALA B 177 14.82 -6.26 -0.47
C ALA B 177 16.07 -7.00 0.01
N ASP B 178 16.19 -7.14 1.33
CA ASP B 178 17.32 -7.86 1.89
C ASP B 178 17.35 -9.29 1.37
N PHE B 179 16.20 -9.96 1.34
CA PHE B 179 16.21 -11.35 0.89
C PHE B 179 16.61 -11.47 -0.57
N ILE B 180 16.15 -10.54 -1.39
CA ILE B 180 16.44 -10.63 -2.82
C ILE B 180 17.90 -10.32 -3.10
N ARG B 181 18.46 -9.33 -2.41
CA ARG B 181 19.89 -9.04 -2.52
C ARG B 181 20.74 -10.25 -2.14
N ASN B 182 20.33 -10.94 -1.09
CA ASN B 182 21.11 -12.07 -0.59
C ASN B 182 21.03 -13.27 -1.52
N ASN B 183 20.09 -13.24 -2.46
CA ASN B 183 19.88 -14.37 -3.35
C ASN B 183 19.86 -13.96 -4.82
N LEU B 184 20.47 -12.82 -5.11
CA LEU B 184 20.33 -12.24 -6.44
C LEU B 184 20.89 -13.16 -7.52
N SER B 185 21.93 -13.90 -7.18
CA SER B 185 22.58 -14.79 -8.16
C SER B 185 21.64 -15.87 -8.67
N SER B 186 20.68 -16.28 -7.84
CA SER B 186 19.81 -17.39 -8.21
C SER B 186 18.43 -16.99 -8.73
N ILE B 187 17.98 -15.78 -8.40
CA ILE B 187 16.63 -15.36 -8.77
C ILE B 187 16.52 -14.80 -10.19
N LYS B 188 15.77 -15.51 -11.03
CA LYS B 188 15.70 -15.18 -12.46
C LYS B 188 14.43 -14.42 -12.88
N ALA B 189 13.40 -14.46 -12.04
CA ALA B 189 12.16 -13.77 -12.36
C ALA B 189 11.48 -13.28 -11.07
N TYR B 190 10.84 -12.13 -11.16
CA TYR B 190 10.15 -11.57 -10.01
C TYR B 190 8.69 -11.32 -10.35
N LEU B 191 7.79 -11.85 -9.52
CA LEU B 191 6.37 -11.73 -9.80
C LEU B 191 5.70 -11.19 -8.55
N THR B 192 4.93 -10.10 -8.70
CA THR B 192 4.22 -9.51 -7.58
C THR B 192 2.73 -9.41 -7.92
N ILE B 193 1.88 -9.87 -7.00
CA ILE B 193 0.46 -10.04 -7.31
C ILE B 193 -0.40 -8.96 -6.65
N HIS B 194 -1.18 -8.26 -7.45
CA HIS B 194 -2.11 -7.26 -6.94
C HIS B 194 -3.50 -7.46 -7.55
N SER B 195 -4.46 -6.64 -7.10
CA SER B 195 -5.71 -6.44 -7.83
C SER B 195 -6.12 -4.99 -7.60
N TYR B 196 -7.06 -4.47 -8.39
CA TYR B 196 -7.67 -5.16 -9.52
C TYR B 196 -7.29 -4.39 -10.79
N SER B 197 -7.62 -4.95 -11.95
CA SER B 197 -7.54 -4.25 -13.24
C SER B 197 -7.37 -5.22 -14.42
N GLN B 198 -7.05 -6.46 -14.11
CA GLN B 198 -6.73 -7.44 -15.13
C GLN B 198 -5.65 -6.93 -16.10
N MET B 199 -4.44 -6.85 -15.59
CA MET B 199 -3.29 -6.41 -16.39
C MET B 199 -2.04 -7.21 -16.04
N ILE B 200 -1.15 -7.36 -17.01
CA ILE B 200 0.22 -7.77 -16.72
C ILE B 200 1.15 -6.59 -17.03
N LEU B 201 1.79 -6.08 -15.99
CA LEU B 201 2.65 -4.91 -16.13
C LEU B 201 4.11 -5.32 -16.01
N TYR B 202 4.99 -4.56 -16.65
CA TYR B 202 6.42 -4.72 -16.47
C TYR B 202 7.09 -3.34 -16.46
N PRO B 203 8.41 -3.28 -16.20
CA PRO B 203 9.04 -1.96 -16.06
C PRO B 203 8.92 -1.12 -17.34
N TYR B 204 8.92 0.20 -17.20
CA TYR B 204 9.09 0.89 -15.92
C TYR B 204 7.82 1.58 -15.45
N SER B 205 7.74 1.81 -14.15
CA SER B 205 6.67 2.61 -13.57
C SER B 205 7.18 3.94 -13.01
N TYR B 206 8.47 4.02 -12.70
CA TYR B 206 8.99 5.28 -12.18
C TYR B 206 9.46 6.22 -13.27
N ASP B 207 9.34 5.78 -14.52
CA ASP B 207 9.77 6.56 -15.67
C ASP B 207 9.08 6.02 -16.93
N TYR B 208 8.90 6.86 -17.95
CA TYR B 208 8.29 6.41 -19.19
C TYR B 208 9.29 5.74 -20.11
N LYS B 209 10.55 5.75 -19.71
CA LYS B 209 11.63 5.07 -20.42
C LYS B 209 11.32 3.58 -20.52
N LEU B 210 11.69 2.97 -21.64
CA LEU B 210 11.44 1.54 -21.84
C LEU B 210 12.62 0.70 -21.36
N PRO B 211 12.35 -0.50 -20.82
CA PRO B 211 13.42 -1.41 -20.44
C PRO B 211 14.16 -1.93 -21.68
N GLU B 212 15.41 -2.31 -21.50
CA GLU B 212 16.23 -2.77 -22.63
C GLU B 212 15.62 -3.98 -23.32
N ASN B 213 14.95 -4.85 -22.56
CA ASN B 213 14.32 -6.02 -23.16
C ASN B 213 12.82 -5.83 -23.32
N ASN B 214 12.40 -4.60 -23.59
CA ASN B 214 10.99 -4.25 -23.76
C ASN B 214 10.27 -5.17 -24.73
N ALA B 215 10.89 -5.43 -25.88
CA ALA B 215 10.25 -6.23 -26.90
C ALA B 215 9.99 -7.63 -26.39
N GLU B 216 10.98 -8.21 -25.72
CA GLU B 216 10.84 -9.57 -25.19
C GLU B 216 9.76 -9.62 -24.11
N LEU B 217 9.73 -8.60 -23.26
CA LEU B 217 8.77 -8.58 -22.16
C LEU B 217 7.36 -8.40 -22.69
N ASN B 218 7.20 -7.57 -23.72
CA ASN B 218 5.90 -7.31 -24.30
C ASN B 218 5.35 -8.55 -24.97
N ASN B 219 6.21 -9.27 -25.68
CA ASN B 219 5.82 -10.50 -26.36
C ASN B 219 5.41 -11.58 -25.37
N LEU B 220 6.11 -11.63 -24.24
CA LEU B 220 5.83 -12.64 -23.22
C LEU B 220 4.53 -12.34 -22.47
N ALA B 221 4.30 -11.06 -22.20
CA ALA B 221 3.05 -10.64 -21.57
C ALA B 221 1.87 -10.92 -22.50
N LYS B 222 2.05 -10.62 -23.78
CA LYS B 222 1.02 -10.86 -24.79
C LYS B 222 0.63 -12.32 -24.84
N ALA B 223 1.63 -13.20 -24.82
CA ALA B 223 1.39 -14.64 -24.87
C ALA B 223 0.76 -15.12 -23.57
N ALA B 224 1.17 -14.52 -22.46
CA ALA B 224 0.65 -14.93 -21.17
C ALA B 224 -0.84 -14.58 -21.02
N VAL B 225 -1.24 -13.38 -21.44
CA VAL B 225 -2.65 -13.00 -21.32
C VAL B 225 -3.51 -13.81 -22.27
N LYS B 226 -2.97 -14.16 -23.43
CA LYS B 226 -3.66 -15.05 -24.35
C LYS B 226 -3.88 -16.41 -23.68
N GLU B 227 -2.85 -16.90 -22.99
CA GLU B 227 -2.94 -18.17 -22.30
C GLU B 227 -3.97 -18.11 -21.17
N LEU B 228 -3.97 -17.00 -20.44
CA LEU B 228 -4.93 -16.77 -19.36
C LEU B 228 -6.38 -16.83 -19.85
N ALA B 229 -6.63 -16.27 -21.03
CA ALA B 229 -7.98 -16.12 -21.55
C ALA B 229 -8.62 -17.44 -21.93
N THR B 230 -7.80 -18.44 -22.27
CA THR B 230 -8.33 -19.69 -22.78
C THR B 230 -9.28 -20.38 -21.79
N LEU B 231 -9.12 -20.08 -20.50
CA LEU B 231 -9.86 -20.82 -19.49
C LEU B 231 -11.30 -20.35 -19.36
N TYR B 232 -11.49 -19.04 -19.17
CA TYR B 232 -12.82 -18.48 -19.00
C TYR B 232 -13.06 -17.24 -19.86
N GLY B 233 -12.14 -16.97 -20.78
CA GLY B 233 -12.30 -15.84 -21.68
C GLY B 233 -11.95 -14.51 -21.05
N THR B 234 -11.33 -14.53 -19.87
CA THR B 234 -11.02 -13.29 -19.17
C THR B 234 -9.95 -12.51 -19.93
N LYS B 235 -10.21 -11.21 -20.13
CA LYS B 235 -9.34 -10.37 -20.94
C LYS B 235 -8.44 -9.48 -20.10
N TYR B 236 -7.13 -9.58 -20.36
CA TYR B 236 -6.12 -8.75 -19.69
C TYR B 236 -5.45 -7.80 -20.69
N THR B 237 -5.13 -6.58 -20.24
CA THR B 237 -4.20 -5.72 -20.98
C THR B 237 -2.78 -5.81 -20.40
N TYR B 238 -1.79 -5.31 -21.12
CA TYR B 238 -0.40 -5.45 -20.69
C TYR B 238 0.50 -4.35 -21.24
N GLY B 239 1.68 -4.20 -20.64
CA GLY B 239 2.64 -3.22 -21.10
C GLY B 239 3.44 -2.59 -19.97
N PRO B 240 4.34 -1.65 -20.29
CA PRO B 240 5.13 -0.95 -19.26
C PRO B 240 4.20 -0.28 -18.25
N GLY B 241 4.59 -0.32 -16.98
CA GLY B 241 3.72 0.16 -15.93
C GLY B 241 3.24 1.59 -16.11
N ALA B 242 4.15 2.52 -16.32
CA ALA B 242 3.79 3.94 -16.29
C ALA B 242 2.74 4.29 -17.35
N THR B 243 2.93 3.78 -18.57
CA THR B 243 2.02 4.07 -19.67
C THR B 243 0.71 3.28 -19.61
N THR B 244 0.77 2.06 -19.08
CA THR B 244 -0.37 1.14 -19.09
C THR B 244 -1.35 1.41 -17.95
N ILE B 245 -0.84 1.87 -16.81
CA ILE B 245 -1.69 2.20 -15.67
C ILE B 245 -1.53 3.67 -15.28
N TYR B 246 -0.50 3.96 -14.52
CA TYR B 246 -0.11 5.34 -14.25
C TYR B 246 1.30 5.30 -13.67
N PRO B 247 2.01 6.44 -13.66
CA PRO B 247 3.34 6.49 -13.06
C PRO B 247 3.24 6.16 -11.57
N ALA B 248 4.22 5.42 -11.07
CA ALA B 248 4.26 5.05 -9.65
C ALA B 248 5.67 4.65 -9.32
N ALA B 249 6.46 5.61 -8.81
CA ALA B 249 7.86 5.35 -8.51
C ALA B 249 8.01 4.51 -7.25
N GLY B 250 9.10 3.77 -7.16
CA GLY B 250 9.42 3.06 -5.94
C GLY B 250 8.76 1.72 -5.85
N GLY B 251 8.38 1.17 -7.00
CA GLY B 251 7.76 -0.14 -7.05
C GLY B 251 8.76 -1.28 -6.97
N SER B 252 8.33 -2.38 -6.38
CA SER B 252 9.19 -3.54 -6.17
C SER B 252 9.55 -4.25 -7.48
N ASP B 253 8.66 -4.20 -8.47
CA ASP B 253 9.00 -4.82 -9.76
C ASP B 253 10.07 -4.04 -10.50
N ASP B 254 10.03 -2.71 -10.43
CA ASP B 254 11.11 -1.88 -10.99
C ASP B 254 12.43 -2.05 -10.23
N TRP B 255 12.35 -2.12 -8.90
CA TRP B 255 13.56 -2.34 -8.14
C TRP B 255 14.16 -3.69 -8.52
N ALA B 256 13.34 -4.73 -8.52
CA ALA B 256 13.83 -6.08 -8.85
C ALA B 256 14.54 -6.07 -10.19
N TYR B 257 13.91 -5.42 -11.18
CA TYR B 257 14.46 -5.36 -12.52
C TYR B 257 15.79 -4.63 -12.52
N ASP B 258 15.85 -3.48 -11.86
CA ASP B 258 17.09 -2.69 -11.78
C ASP B 258 18.24 -3.46 -11.11
N GLN B 259 17.90 -4.46 -10.29
CA GLN B 259 18.92 -5.28 -9.65
C GLN B 259 19.42 -6.34 -10.60
N GLY B 260 18.74 -6.50 -11.74
CA GLY B 260 19.24 -7.38 -12.78
C GLY B 260 18.35 -8.57 -13.04
N ILE B 261 17.20 -8.61 -12.39
CA ILE B 261 16.23 -9.67 -12.63
C ILE B 261 15.41 -9.31 -13.87
N LYS B 262 15.69 -9.98 -14.97
CA LYS B 262 15.27 -9.50 -16.29
C LYS B 262 13.79 -9.73 -16.53
N TYR B 263 13.23 -10.74 -15.88
CA TYR B 263 11.82 -11.02 -15.99
C TYR B 263 11.08 -10.60 -14.73
N SER B 264 10.48 -9.41 -14.78
CA SER B 264 9.87 -8.77 -13.62
C SER B 264 8.47 -8.31 -13.99
N PHE B 265 7.47 -8.83 -13.28
CA PHE B 265 6.07 -8.58 -13.66
C PHE B 265 5.20 -8.28 -12.45
N THR B 266 4.29 -7.32 -12.64
CA THR B 266 3.18 -7.11 -11.70
C THR B 266 1.88 -7.58 -12.33
N PHE B 267 1.20 -8.50 -11.65
CA PHE B 267 -0.12 -8.93 -12.08
C PHE B 267 -1.21 -8.12 -11.38
N GLU B 268 -2.19 -7.63 -12.14
CA GLU B 268 -3.40 -7.06 -11.56
C GLU B 268 -4.56 -8.02 -11.84
N LEU B 269 -5.08 -8.66 -10.80
CA LEU B 269 -6.07 -9.71 -10.99
C LEU B 269 -7.48 -9.14 -11.18
N ARG B 270 -8.48 -10.01 -11.14
CA ARG B 270 -9.88 -9.60 -11.32
C ARG B 270 -10.27 -8.62 -10.22
N ASP B 271 -11.27 -7.77 -10.50
CA ASP B 271 -11.90 -7.66 -11.82
C ASP B 271 -11.57 -6.33 -12.48
N LYS B 272 -12.56 -5.71 -13.13
CA LYS B 272 -12.34 -4.43 -13.80
C LYS B 272 -13.00 -3.28 -13.05
N GLY B 273 -13.44 -3.56 -11.83
CA GLY B 273 -14.04 -2.50 -11.03
C GLY B 273 -15.49 -2.76 -10.60
N ARG B 274 -16.16 -3.73 -11.22
CA ARG B 274 -17.53 -4.04 -10.85
C ARG B 274 -17.61 -4.34 -9.36
N TYR B 275 -16.72 -5.20 -8.86
CA TYR B 275 -16.61 -5.45 -7.43
C TYR B 275 -15.33 -4.86 -6.85
N GLY B 276 -14.33 -4.69 -7.71
CA GLY B 276 -13.10 -4.06 -7.28
C GLY B 276 -12.37 -4.91 -6.26
N PHE B 277 -11.96 -4.28 -5.16
CA PHE B 277 -11.24 -4.97 -4.10
C PHE B 277 -12.10 -6.01 -3.40
N ILE B 278 -13.42 -5.83 -3.44
CA ILE B 278 -14.35 -6.68 -2.73
C ILE B 278 -14.84 -7.79 -3.66
N LEU B 279 -13.90 -8.52 -4.24
CA LEU B 279 -14.22 -9.56 -5.20
C LEU B 279 -14.86 -10.74 -4.48
N PRO B 280 -16.02 -11.18 -4.99
CA PRO B 280 -16.76 -12.27 -4.34
C PRO B 280 -15.89 -13.50 -4.14
N GLU B 281 -16.01 -14.13 -2.97
CA GLU B 281 -15.36 -15.41 -2.75
C GLU B 281 -15.72 -16.43 -3.83
N SER B 282 -16.90 -16.28 -4.43
CA SER B 282 -17.35 -17.23 -5.45
C SER B 282 -16.46 -17.18 -6.69
N GLN B 283 -15.69 -16.10 -6.85
CA GLN B 283 -14.81 -15.96 -8.01
C GLN B 283 -13.35 -16.34 -7.74
N ILE B 284 -13.03 -16.72 -6.51
CA ILE B 284 -11.65 -17.02 -6.14
C ILE B 284 -11.08 -18.15 -6.99
N GLN B 285 -11.80 -19.26 -7.06
CA GLN B 285 -11.36 -20.44 -7.80
C GLN B 285 -11.08 -20.11 -9.26
N ALA B 286 -12.04 -19.47 -9.94
CA ALA B 286 -11.86 -19.17 -11.35
C ALA B 286 -10.67 -18.24 -11.56
N THR B 287 -10.57 -17.20 -10.74
CA THR B 287 -9.51 -16.22 -10.87
C THR B 287 -8.15 -16.88 -10.69
N CYS B 288 -8.02 -17.69 -9.65
CA CYS B 288 -6.74 -18.34 -9.39
C CYS B 288 -6.37 -19.27 -10.53
N GLU B 289 -7.32 -20.07 -11.01
CA GLU B 289 -7.00 -21.08 -12.01
C GLU B 289 -6.56 -20.46 -13.34
N GLU B 290 -7.22 -19.39 -13.76
CA GLU B 290 -6.79 -18.71 -14.99
C GLU B 290 -5.46 -18.01 -14.72
N THR B 291 -5.29 -17.48 -13.51
CA THR B 291 -4.03 -16.82 -13.18
C THR B 291 -2.91 -17.84 -13.19
N MET B 292 -3.18 -19.05 -12.70
CA MET B 292 -2.19 -20.12 -12.73
C MET B 292 -1.62 -20.33 -14.12
N LEU B 293 -2.46 -20.26 -15.14
CA LEU B 293 -1.98 -20.55 -16.50
C LEU B 293 -0.95 -19.52 -16.95
N ALA B 294 -1.14 -18.27 -16.54
CA ALA B 294 -0.21 -17.22 -16.92
C ALA B 294 1.10 -17.35 -16.16
N ILE B 295 1.02 -17.63 -14.87
CA ILE B 295 2.21 -17.79 -14.06
C ILE B 295 3.06 -18.96 -14.55
N LYS B 296 2.42 -20.07 -14.86
CA LYS B 296 3.11 -21.24 -15.39
C LYS B 296 3.70 -20.96 -16.78
N TYR B 297 2.99 -20.19 -17.58
CA TYR B 297 3.51 -19.83 -18.89
C TYR B 297 4.82 -19.06 -18.76
N VAL B 298 4.83 -18.04 -17.91
CA VAL B 298 6.01 -17.23 -17.71
C VAL B 298 7.14 -18.10 -17.17
N THR B 299 6.79 -19.01 -16.28
CA THR B 299 7.77 -19.88 -15.66
C THR B 299 8.40 -20.76 -16.72
N ASN B 300 7.57 -21.33 -17.59
CA ASN B 300 8.11 -22.20 -18.61
C ASN B 300 9.06 -21.41 -19.51
N TYR B 301 8.70 -20.16 -19.77
CA TYR B 301 9.51 -19.29 -20.61
C TYR B 301 10.88 -19.04 -19.99
N VAL B 302 10.87 -18.62 -18.72
CA VAL B 302 12.09 -18.29 -18.01
C VAL B 302 12.98 -19.52 -17.96
N LEU B 303 12.38 -20.68 -17.68
CA LEU B 303 13.14 -21.91 -17.55
C LEU B 303 13.91 -22.18 -18.84
N GLY B 304 13.30 -21.85 -19.97
CA GLY B 304 13.94 -22.11 -21.25
C GLY B 304 14.85 -21.00 -21.71
N HIS B 305 14.97 -19.96 -20.89
CA HIS B 305 15.85 -18.82 -21.19
C HIS B 305 16.79 -18.55 -20.04
N LEU B 306 17.43 -19.60 -19.53
CA LEU B 306 18.38 -19.46 -18.45
C LEU B 306 19.81 -19.47 -18.98
N GLY C 3 -12.27 42.23 -14.67
CA GLY C 3 -12.10 40.84 -14.24
C GLY C 3 -12.13 39.87 -15.41
N HIS C 4 -11.45 38.75 -15.25
CA HIS C 4 -11.39 37.74 -16.29
C HIS C 4 -12.66 36.89 -16.28
N SER C 5 -13.14 36.54 -17.47
CA SER C 5 -14.24 35.59 -17.59
C SER C 5 -13.97 34.62 -18.73
N TYR C 6 -14.36 33.36 -18.52
CA TYR C 6 -14.16 32.33 -19.54
C TYR C 6 -15.28 32.35 -20.57
N GLU C 7 -16.33 33.11 -20.27
CA GLU C 7 -17.46 33.23 -21.17
C GLU C 7 -17.67 34.67 -21.65
N LYS C 8 -16.59 35.45 -21.63
CA LYS C 8 -16.59 36.76 -22.25
C LYS C 8 -15.22 36.99 -22.87
N TYR C 9 -15.13 37.90 -23.84
CA TYR C 9 -13.83 38.20 -24.45
C TYR C 9 -13.04 39.15 -23.57
N ASN C 10 -11.81 38.73 -23.23
CA ASN C 10 -10.96 39.48 -22.32
C ASN C 10 -9.93 40.28 -23.09
N ASN C 11 -9.68 41.53 -22.69
CA ASN C 11 -8.63 42.31 -23.34
C ASN C 11 -7.25 41.82 -22.92
N TRP C 12 -6.20 42.30 -23.57
CA TRP C 12 -4.88 41.75 -23.33
C TRP C 12 -4.41 41.91 -21.89
N GLU C 13 -4.61 43.09 -21.31
CA GLU C 13 -4.19 43.28 -19.91
C GLU C 13 -4.81 42.22 -19.03
N THR C 14 -6.07 41.88 -19.30
CA THR C 14 -6.77 40.86 -18.52
C THR C 14 -6.23 39.45 -18.78
N ILE C 15 -5.99 39.13 -20.04
CA ILE C 15 -5.44 37.83 -20.39
C ILE C 15 -4.04 37.68 -19.79
N GLU C 16 -3.22 38.71 -19.93
CA GLU C 16 -1.89 38.71 -19.34
C GLU C 16 -1.92 38.45 -17.84
N ALA C 17 -2.78 39.17 -17.13
CA ALA C 17 -2.93 38.95 -15.68
C ALA C 17 -3.39 37.52 -15.42
N TRP C 18 -4.33 37.06 -16.25
CA TRP C 18 -4.79 35.68 -16.16
C TRP C 18 -3.65 34.67 -16.26
N THR C 19 -2.78 34.83 -17.25
CA THR C 19 -1.67 33.89 -17.40
C THR C 19 -0.87 33.84 -16.10
N LYS C 20 -0.72 34.99 -15.45
CA LYS C 20 -0.03 35.09 -14.16
C LYS C 20 -0.82 34.37 -13.06
N GLN C 21 -2.11 34.71 -12.97
CA GLN C 21 -2.97 34.17 -11.92
C GLN C 21 -3.15 32.66 -12.06
N VAL C 22 -3.48 32.20 -13.25
CA VAL C 22 -3.82 30.81 -13.43
C VAL C 22 -2.60 29.94 -13.14
N THR C 23 -1.42 30.50 -13.35
CA THR C 23 -0.19 29.78 -13.07
C THR C 23 0.09 29.68 -11.56
N SER C 24 0.00 30.80 -10.87
CA SER C 24 0.24 30.79 -9.42
C SER C 24 -0.78 29.89 -8.72
N GLU C 25 -1.98 29.80 -9.30
CA GLU C 25 -3.05 29.01 -8.69
C GLU C 25 -2.83 27.51 -8.89
N ASN C 26 -2.14 27.14 -9.97
CA ASN C 26 -1.86 25.74 -10.27
C ASN C 26 -0.36 25.49 -10.47
N PRO C 27 0.41 25.51 -9.37
CA PRO C 27 1.87 25.42 -9.36
C PRO C 27 2.41 24.07 -9.88
N ASP C 28 1.63 23.02 -9.72
CA ASP C 28 2.08 21.68 -10.08
C ASP C 28 1.57 21.22 -11.43
N LEU C 29 1.08 22.16 -12.24
CA LEU C 29 0.50 21.81 -13.53
C LEU C 29 0.82 22.84 -14.60
N ILE C 30 1.14 24.06 -14.18
CA ILE C 30 1.36 25.14 -15.12
C ILE C 30 2.65 25.89 -14.88
N SER C 31 3.48 25.98 -15.92
CA SER C 31 4.68 26.81 -15.92
C SER C 31 4.50 27.90 -16.98
N ARG C 32 5.04 29.08 -16.72
CA ARG C 32 4.80 30.22 -17.60
C ARG C 32 6.10 30.89 -18.05
N THR C 33 6.26 31.04 -19.35
CA THR C 33 7.42 31.73 -19.89
C THR C 33 7.00 32.74 -20.94
N ALA C 34 7.97 33.50 -21.46
CA ALA C 34 7.76 34.34 -22.62
C ALA C 34 8.76 33.93 -23.69
N ILE C 35 8.28 33.72 -24.91
CA ILE C 35 9.15 33.23 -25.97
C ILE C 35 9.74 34.37 -26.78
N GLY C 36 9.37 35.59 -26.42
CA GLY C 36 9.91 36.76 -27.10
C GLY C 36 9.02 37.96 -26.86
N THR C 37 9.25 39.01 -27.62
CA THR C 37 8.41 40.20 -27.53
C THR C 37 7.86 40.59 -28.90
N THR C 38 6.75 41.31 -28.90
CA THR C 38 6.10 41.76 -30.14
C THR C 38 6.76 43.03 -30.66
N PHE C 39 6.30 43.49 -31.82
CA PHE C 39 6.84 44.68 -32.43
C PHE C 39 6.77 45.87 -31.48
N LEU C 40 5.72 45.90 -30.66
CA LEU C 40 5.49 47.02 -29.76
C LEU C 40 6.08 46.75 -28.38
N GLY C 41 6.72 45.59 -28.22
CA GLY C 41 7.42 45.30 -26.99
C GLY C 41 6.63 44.54 -25.94
N ASN C 42 5.49 43.97 -26.32
CA ASN C 42 4.70 43.17 -25.39
C ASN C 42 5.26 41.74 -25.29
N ASN C 43 5.20 41.16 -24.09
CA ASN C 43 5.74 39.81 -23.87
C ASN C 43 4.81 38.75 -24.45
N ILE C 44 5.38 37.81 -25.22
CA ILE C 44 4.61 36.73 -25.81
C ILE C 44 4.60 35.52 -24.86
N TYR C 45 3.63 35.49 -23.95
CA TYR C 45 3.61 34.45 -22.93
C TYR C 45 3.22 33.07 -23.46
N LEU C 46 3.78 32.05 -22.83
CA LEU C 46 3.51 30.66 -23.20
C LEU C 46 3.25 29.90 -21.90
N LEU C 47 2.16 29.14 -21.87
CA LEU C 47 1.86 28.30 -20.72
C LEU C 47 2.18 26.85 -21.03
N LYS C 48 2.86 26.20 -20.10
CA LYS C 48 3.24 24.81 -20.27
C LYS C 48 2.43 23.97 -19.30
N VAL C 49 1.44 23.28 -19.83
CA VAL C 49 0.46 22.59 -18.99
C VAL C 49 0.82 21.11 -18.93
N GLY C 50 0.96 20.58 -17.72
CA GLY C 50 1.27 19.17 -17.58
C GLY C 50 1.90 18.86 -16.22
N LYS C 51 1.85 17.60 -15.83
CA LYS C 51 2.52 17.15 -14.62
C LYS C 51 4.01 17.06 -14.93
N PRO C 52 4.82 17.86 -14.23
CA PRO C 52 6.26 17.96 -14.50
C PRO C 52 6.97 16.61 -14.45
N GLY C 53 7.87 16.38 -15.39
CA GLY C 53 8.54 15.10 -15.47
C GLY C 53 9.67 15.09 -16.49
N PRO C 54 10.47 14.02 -16.50
CA PRO C 54 11.62 13.86 -17.40
C PRO C 54 11.22 13.48 -18.82
N ASN C 55 11.87 14.10 -19.79
CA ASN C 55 11.80 13.63 -21.18
C ASN C 55 10.37 13.57 -21.71
N LYS C 56 9.59 14.61 -21.45
CA LYS C 56 8.18 14.61 -21.84
C LYS C 56 7.95 15.06 -23.27
N PRO C 57 7.16 14.31 -24.03
CA PRO C 57 6.67 14.78 -25.33
C PRO C 57 5.70 15.93 -25.09
N ALA C 58 5.50 16.76 -26.11
CA ALA C 58 4.58 17.88 -25.96
C ALA C 58 3.65 18.01 -27.16
N ILE C 59 2.51 18.63 -26.93
CA ILE C 59 1.72 19.16 -28.03
C ILE C 59 1.70 20.67 -27.92
N PHE C 60 1.81 21.34 -29.06
CA PHE C 60 1.83 22.78 -29.09
C PHE C 60 0.55 23.32 -29.71
N MET C 61 -0.09 24.25 -29.02
CA MET C 61 -1.26 24.93 -29.55
C MET C 61 -1.14 26.43 -29.35
N ASP C 62 -1.33 27.18 -30.42
CA ASP C 62 -1.42 28.62 -30.29
C ASP C 62 -2.79 29.15 -30.69
N CYS C 63 -3.08 30.35 -30.22
CA CYS C 63 -4.30 31.05 -30.59
C CYS C 63 -3.93 32.49 -30.91
N GLY C 64 -4.84 33.20 -31.54
CA GLY C 64 -4.67 34.63 -31.70
C GLY C 64 -3.64 35.01 -32.75
N PHE C 65 -3.35 34.10 -33.69
CA PHE C 65 -2.57 34.49 -34.85
C PHE C 65 -3.16 35.76 -35.44
N HIS C 66 -4.47 35.76 -35.63
CA HIS C 66 -5.15 36.87 -36.30
C HIS C 66 -6.02 37.65 -35.33
N ALA C 67 -5.82 38.96 -35.29
CA ALA C 67 -6.27 39.77 -34.16
C ALA C 67 -7.79 39.72 -33.97
N ARG C 68 -8.54 39.81 -35.07
CA ARG C 68 -9.99 39.91 -35.03
C ARG C 68 -10.72 38.61 -34.69
N GLU C 69 -9.99 37.50 -34.65
CA GLU C 69 -10.59 36.17 -34.43
C GLU C 69 -10.74 35.85 -32.94
N TRP C 70 -11.53 36.67 -32.26
CA TRP C 70 -11.59 36.65 -30.80
C TRP C 70 -11.91 35.29 -30.18
N ILE C 71 -12.72 34.48 -30.86
CA ILE C 71 -13.09 33.18 -30.31
C ILE C 71 -11.86 32.29 -30.19
N SER C 72 -10.86 32.55 -31.04
CA SER C 72 -9.60 31.82 -30.97
C SER C 72 -8.96 32.02 -29.59
N HIS C 73 -8.63 33.27 -29.28
CA HIS C 73 -8.04 33.62 -27.98
C HIS C 73 -8.84 32.97 -26.85
N ALA C 74 -10.17 33.09 -26.95
CA ALA C 74 -11.03 32.60 -25.88
C ALA C 74 -10.84 31.10 -25.68
N PHE C 75 -10.56 30.38 -26.76
CA PHE C 75 -10.46 28.93 -26.63
C PHE C 75 -9.23 28.45 -25.89
N CYS C 76 -8.08 29.06 -26.17
CA CYS C 76 -6.86 28.70 -25.46
C CYS C 76 -7.07 28.87 -23.96
N GLN C 77 -7.80 29.91 -23.57
CA GLN C 77 -8.08 30.13 -22.16
C GLN C 77 -8.97 29.02 -21.62
N TRP C 78 -9.99 28.66 -22.39
CA TRP C 78 -10.92 27.61 -21.99
C TRP C 78 -10.17 26.31 -21.78
N PHE C 79 -9.28 26.00 -22.71
CA PHE C 79 -8.56 24.74 -22.68
C PHE C 79 -7.74 24.63 -21.39
N VAL C 80 -7.00 25.67 -21.07
CA VAL C 80 -6.16 25.66 -19.88
C VAL C 80 -7.00 25.36 -18.66
N ARG C 81 -8.18 25.97 -18.60
CA ARG C 81 -9.06 25.81 -17.44
C ARG C 81 -9.53 24.36 -17.34
N GLU C 82 -9.96 23.79 -18.46
CA GLU C 82 -10.41 22.40 -18.48
C GLU C 82 -9.29 21.46 -18.05
N ALA C 83 -8.08 21.72 -18.53
CA ALA C 83 -6.94 20.85 -18.25
C ALA C 83 -6.59 20.81 -16.77
N VAL C 84 -6.65 21.95 -16.10
CA VAL C 84 -6.32 22.00 -14.67
C VAL C 84 -7.44 21.46 -13.79
N LEU C 85 -8.68 21.61 -14.24
CA LEU C 85 -9.83 21.24 -13.42
C LEU C 85 -10.34 19.81 -13.62
N THR C 86 -9.96 19.19 -14.73
CA THR C 86 -10.33 17.80 -14.99
C THR C 86 -9.19 16.85 -14.66
N TYR C 87 -7.99 17.39 -14.52
CA TYR C 87 -6.82 16.57 -14.24
C TYR C 87 -6.94 15.92 -12.86
N GLY C 88 -6.93 14.59 -12.86
CA GLY C 88 -7.07 13.88 -11.60
C GLY C 88 -8.50 13.45 -11.34
N TYR C 89 -9.43 13.92 -12.16
CA TYR C 89 -10.82 13.47 -12.08
C TYR C 89 -11.19 12.60 -13.27
N GLU C 90 -10.75 13.02 -14.46
CA GLU C 90 -11.05 12.29 -15.69
C GLU C 90 -9.83 11.50 -16.15
N SER C 91 -10.03 10.22 -16.43
CA SER C 91 -8.92 9.33 -16.80
C SER C 91 -8.07 9.90 -17.94
N HIS C 92 -8.73 10.42 -18.96
CA HIS C 92 -8.01 10.83 -20.17
C HIS C 92 -7.14 12.07 -19.98
N MET C 93 -7.71 13.14 -19.45
CA MET C 93 -6.92 14.34 -19.22
C MET C 93 -5.80 14.02 -18.24
N THR C 94 -6.07 13.12 -17.30
CA THR C 94 -5.05 12.73 -16.35
C THR C 94 -3.87 12.06 -17.06
N GLU C 95 -4.17 11.05 -17.88
CA GLU C 95 -3.14 10.41 -18.67
C GLU C 95 -2.41 11.42 -19.55
N PHE C 96 -3.19 12.28 -20.21
CA PHE C 96 -2.61 13.28 -21.11
C PHE C 96 -1.50 14.08 -20.42
N LEU C 97 -1.82 14.66 -19.26
CA LEU C 97 -0.92 15.59 -18.63
C LEU C 97 0.22 14.89 -17.88
N ASN C 98 0.02 13.62 -17.57
CA ASN C 98 1.09 12.80 -17.01
C ASN C 98 2.15 12.49 -18.06
N LYS C 99 1.70 12.08 -19.24
CA LYS C 99 2.61 11.61 -20.28
C LYS C 99 3.23 12.79 -21.04
N LEU C 100 2.40 13.76 -21.39
CA LEU C 100 2.88 14.87 -22.20
C LEU C 100 2.62 16.23 -21.57
N ASP C 101 3.28 17.24 -22.13
CA ASP C 101 3.00 18.63 -21.80
C ASP C 101 2.26 19.25 -22.96
N PHE C 102 1.35 20.19 -22.65
CA PHE C 102 0.75 21.05 -23.65
C PHE C 102 1.42 22.42 -23.58
N TYR C 103 1.97 22.88 -24.70
CA TYR C 103 2.44 24.25 -24.76
C TYR C 103 1.34 25.10 -25.35
N VAL C 104 0.67 25.87 -24.49
CA VAL C 104 -0.42 26.73 -24.92
C VAL C 104 0.05 28.17 -25.06
N LEU C 105 0.07 28.67 -26.29
CA LEU C 105 0.40 30.08 -26.53
C LEU C 105 -0.91 30.84 -26.71
N PRO C 106 -1.38 31.51 -25.64
CA PRO C 106 -2.71 32.13 -25.60
C PRO C 106 -2.97 33.14 -26.71
N VAL C 107 -2.00 34.02 -26.94
CA VAL C 107 -2.13 35.06 -27.95
C VAL C 107 -0.79 35.32 -28.60
N LEU C 108 -0.67 35.03 -29.89
CA LEU C 108 0.56 35.30 -30.62
C LEU C 108 0.64 36.77 -31.01
N ASN C 109 -0.37 37.21 -31.75
CA ASN C 109 -0.39 38.55 -32.31
C ASN C 109 -1.00 39.52 -31.31
N ILE C 110 -0.31 39.70 -30.18
CA ILE C 110 -0.79 40.58 -29.11
C ILE C 110 -0.97 42.03 -29.56
N ASP C 111 -0.07 42.53 -30.40
CA ASP C 111 -0.16 43.92 -30.82
C ASP C 111 -1.47 44.13 -31.57
N GLY C 112 -1.77 43.19 -32.47
CA GLY C 112 -2.97 43.30 -33.26
C GLY C 112 -4.22 43.17 -32.41
N TYR C 113 -4.19 42.26 -31.45
CA TYR C 113 -5.34 42.04 -30.57
C TYR C 113 -5.68 43.32 -29.81
N ILE C 114 -4.68 43.92 -29.19
CA ILE C 114 -4.87 45.20 -28.52
C ILE C 114 -5.52 46.21 -29.48
N TYR C 115 -5.09 46.20 -30.73
CA TYR C 115 -5.60 47.15 -31.70
C TYR C 115 -7.09 46.91 -31.97
N THR C 116 -7.52 45.65 -31.93
CA THR C 116 -8.92 45.34 -32.21
C THR C 116 -9.82 45.76 -31.05
N TRP C 117 -9.23 45.91 -29.87
CA TRP C 117 -9.96 46.40 -28.70
C TRP C 117 -9.95 47.93 -28.60
N THR C 118 -8.86 48.55 -29.02
CA THR C 118 -8.68 49.98 -28.83
C THR C 118 -9.11 50.80 -30.05
N LYS C 119 -8.96 50.23 -31.24
CA LYS C 119 -9.18 50.97 -32.48
C LYS C 119 -10.03 50.24 -33.55
N ASN C 120 -9.50 49.14 -34.09
CA ASN C 120 -10.09 48.54 -35.27
C ASN C 120 -10.46 47.07 -35.06
N ARG C 121 -11.74 46.81 -34.83
CA ARG C 121 -12.19 45.47 -34.47
C ARG C 121 -11.87 44.45 -35.56
N MET C 122 -11.77 44.93 -36.80
CA MET C 122 -11.52 44.06 -37.93
C MET C 122 -10.04 43.92 -38.30
N TRP C 123 -9.15 44.41 -37.45
CA TRP C 123 -7.72 44.29 -37.73
C TRP C 123 -7.27 42.82 -37.72
N ARG C 124 -6.38 42.48 -38.64
CA ARG C 124 -5.97 41.09 -38.84
C ARG C 124 -4.46 40.87 -38.62
N LYS C 125 -3.65 41.76 -39.18
CA LYS C 125 -2.20 41.56 -39.26
C LYS C 125 -1.49 41.92 -37.96
N THR C 126 -0.15 41.83 -37.98
CA THR C 126 0.69 42.42 -36.95
C THR C 126 0.64 43.95 -37.07
N ARG C 127 1.35 44.65 -36.19
CA ARG C 127 1.33 46.11 -36.19
C ARG C 127 2.70 46.73 -36.49
N SER C 128 3.57 45.96 -37.14
CA SER C 128 4.90 46.43 -37.49
C SER C 128 4.85 47.34 -38.69
N THR C 129 5.84 48.21 -38.79
CA THR C 129 5.94 49.17 -39.87
C THR C 129 6.53 48.52 -41.12
N ASN C 130 6.25 49.11 -42.27
CA ASN C 130 6.75 48.58 -43.54
C ASN C 130 7.57 49.64 -44.25
N ALA C 131 8.72 49.24 -44.79
CA ALA C 131 9.65 50.20 -45.35
C ALA C 131 9.05 50.95 -46.54
N GLY C 132 8.98 52.28 -46.43
CA GLY C 132 8.57 53.08 -47.56
C GLY C 132 7.09 53.11 -47.88
N THR C 133 6.25 52.82 -46.89
CA THR C 133 4.81 52.95 -47.05
C THR C 133 4.15 53.18 -45.70
N THR C 134 3.00 53.85 -45.71
CA THR C 134 2.27 54.10 -44.47
C THR C 134 1.53 52.85 -44.00
N CYS C 135 1.40 51.86 -44.89
CA CYS C 135 0.61 50.68 -44.60
C CYS C 135 1.29 49.80 -43.55
N ILE C 136 0.52 49.39 -42.56
CA ILE C 136 1.04 48.69 -41.39
C ILE C 136 0.78 47.19 -41.46
N GLY C 137 1.75 46.40 -41.04
CA GLY C 137 1.45 45.02 -40.66
C GLY C 137 1.72 43.95 -41.70
N THR C 138 1.99 42.75 -41.21
CA THR C 138 2.26 41.58 -42.05
C THR C 138 1.31 40.48 -41.61
N ASP C 139 0.86 39.66 -42.55
CA ASP C 139 0.00 38.53 -42.19
C ASP C 139 0.86 37.43 -41.58
N PRO C 140 0.75 37.22 -40.26
CA PRO C 140 1.62 36.23 -39.61
C PRO C 140 1.47 34.83 -40.20
N ASN C 141 0.29 34.50 -40.70
CA ASN C 141 0.06 33.17 -41.27
C ASN C 141 0.37 33.12 -42.77
N ARG C 142 1.04 34.16 -43.27
CA ARG C 142 1.72 34.07 -44.57
C ARG C 142 3.24 34.32 -44.41
N ASN C 143 3.71 34.35 -43.16
CA ASN C 143 5.06 34.81 -42.87
C ASN C 143 6.02 33.68 -42.48
N PHE C 144 5.57 32.43 -42.62
CA PHE C 144 6.42 31.29 -42.31
C PHE C 144 7.07 30.71 -43.54
N ASP C 145 8.13 29.94 -43.34
CA ASP C 145 8.98 29.48 -44.43
C ASP C 145 8.43 28.17 -45.00
N ALA C 146 7.24 28.25 -45.58
CA ALA C 146 6.62 27.09 -46.24
C ALA C 146 6.05 27.55 -47.58
N GLY C 147 6.77 27.26 -48.65
CA GLY C 147 6.41 27.81 -49.95
C GLY C 147 6.22 29.31 -49.85
N TRP C 148 7.01 29.94 -48.99
CA TRP C 148 6.74 31.31 -48.58
C TRP C 148 6.39 32.22 -49.73
N CYS C 149 5.20 32.81 -49.62
CA CYS C 149 4.70 33.84 -50.53
C CYS C 149 4.46 33.40 -51.98
N THR C 150 4.42 32.08 -52.20
CA THR C 150 4.32 31.56 -53.56
C THR C 150 2.90 31.55 -54.11
N THR C 151 1.92 31.47 -53.21
CA THR C 151 0.52 31.48 -53.63
C THR C 151 -0.40 31.88 -52.48
N GLY C 152 -1.52 32.52 -52.81
CA GLY C 152 -2.48 32.87 -51.78
C GLY C 152 -1.96 33.90 -50.80
N ALA C 153 -1.02 34.72 -51.26
CA ALA C 153 -0.45 35.78 -50.44
C ALA C 153 -0.16 36.99 -51.30
N SER C 154 -0.13 38.16 -50.69
CA SER C 154 0.15 39.40 -51.39
C SER C 154 1.56 39.90 -51.10
N THR C 155 2.17 40.56 -52.07
CA THR C 155 3.47 41.18 -51.87
C THR C 155 3.28 42.67 -51.58
N ASP C 156 2.02 43.10 -51.49
CA ASP C 156 1.69 44.49 -51.20
C ASP C 156 1.43 44.67 -49.71
N PRO C 157 2.24 45.52 -49.04
CA PRO C 157 2.12 45.71 -47.60
C PRO C 157 0.75 46.22 -47.17
N CYS C 158 0.02 46.80 -48.11
CA CYS C 158 -1.29 47.38 -47.83
C CYS C 158 -2.40 46.34 -47.78
N ASP C 159 -2.11 45.12 -48.24
CA ASP C 159 -3.11 44.04 -48.27
C ASP C 159 -3.11 43.21 -46.98
N GLU C 160 -4.26 42.61 -46.69
CA GLU C 160 -4.45 41.83 -45.47
C GLU C 160 -3.63 40.55 -45.44
N THR C 161 -3.17 40.10 -46.61
CA THR C 161 -2.40 38.85 -46.68
C THR C 161 -0.92 39.08 -47.02
N TYR C 162 -0.45 40.32 -46.87
CA TYR C 162 0.96 40.63 -47.09
C TYR C 162 1.84 39.57 -46.43
N CYS C 163 2.74 38.99 -47.21
CA CYS C 163 3.55 37.89 -46.71
C CYS C 163 4.79 38.39 -45.96
N GLY C 164 5.06 39.68 -46.07
CA GLY C 164 6.16 40.25 -45.31
C GLY C 164 7.38 40.48 -46.19
N SER C 165 8.43 41.03 -45.59
CA SER C 165 9.66 41.33 -46.32
C SER C 165 10.44 40.05 -46.60
N ALA C 166 10.30 39.08 -45.71
CA ALA C 166 10.88 37.75 -45.91
C ALA C 166 10.32 36.87 -44.82
N ALA C 167 10.38 35.55 -45.01
CA ALA C 167 9.87 34.64 -43.99
C ALA C 167 10.46 35.01 -42.63
N GLU C 168 9.59 35.06 -41.62
CA GLU C 168 9.99 35.32 -40.24
C GLU C 168 10.53 36.72 -40.02
N SER C 169 10.13 37.64 -40.88
CA SER C 169 10.49 39.05 -40.69
C SER C 169 9.84 39.62 -39.43
N GLU C 170 8.72 39.05 -38.99
CA GLU C 170 8.02 39.55 -37.81
C GLU C 170 8.61 38.95 -36.54
N LYS C 171 8.85 39.77 -35.53
CA LYS C 171 9.39 39.27 -34.28
C LYS C 171 8.53 38.13 -33.77
N GLU C 172 7.21 38.28 -33.90
CA GLU C 172 6.28 37.30 -33.36
C GLU C 172 6.41 35.94 -34.03
N THR C 173 6.59 35.92 -35.34
CA THR C 173 6.67 34.64 -36.04
C THR C 173 8.06 34.03 -35.88
N LYS C 174 9.08 34.89 -35.88
CA LYS C 174 10.43 34.43 -35.64
C LYS C 174 10.51 33.81 -34.24
N ALA C 175 9.86 34.44 -33.27
CA ALA C 175 9.86 33.92 -31.90
C ALA C 175 9.24 32.54 -31.86
N LEU C 176 8.11 32.38 -32.56
CA LEU C 176 7.39 31.11 -32.56
C LEU C 176 8.18 30.05 -33.30
N ALA C 177 8.68 30.41 -34.48
CA ALA C 177 9.51 29.50 -35.26
C ALA C 177 10.75 29.08 -34.47
N ASP C 178 11.44 30.03 -33.84
CA ASP C 178 12.61 29.71 -33.01
C ASP C 178 12.23 28.75 -31.89
N PHE C 179 11.12 29.01 -31.21
CA PHE C 179 10.72 28.15 -30.11
C PHE C 179 10.46 26.72 -30.56
N ILE C 180 9.74 26.57 -31.68
CA ILE C 180 9.42 25.23 -32.18
C ILE C 180 10.69 24.52 -32.64
N ARG C 181 11.56 25.25 -33.32
CA ARG C 181 12.89 24.73 -33.66
C ARG C 181 13.61 24.17 -32.46
N ASN C 182 13.83 25.02 -31.46
CA ASN C 182 14.60 24.65 -30.29
C ASN C 182 13.88 23.58 -29.47
N ASN C 183 12.67 23.23 -29.87
CA ASN C 183 11.89 22.26 -29.10
C ASN C 183 11.32 21.12 -29.93
N LEU C 184 11.93 20.85 -31.08
CA LEU C 184 11.53 19.70 -31.88
C LEU C 184 11.74 18.40 -31.11
N SER C 185 12.53 18.46 -30.04
CA SER C 185 12.80 17.27 -29.24
C SER C 185 11.53 16.74 -28.58
N SER C 186 10.59 17.63 -28.28
CA SER C 186 9.38 17.23 -27.57
C SER C 186 8.09 17.34 -28.41
N ILE C 187 7.99 18.43 -29.16
CA ILE C 187 6.74 18.74 -29.85
C ILE C 187 6.40 17.74 -30.96
N LYS C 188 5.33 16.98 -30.75
CA LYS C 188 4.95 15.92 -31.68
C LYS C 188 3.66 16.22 -32.45
N ALA C 189 2.97 17.29 -32.07
CA ALA C 189 1.81 17.75 -32.83
C ALA C 189 1.66 19.27 -32.72
N TYR C 190 1.24 19.89 -33.81
CA TYR C 190 1.05 21.34 -33.85
C TYR C 190 -0.42 21.70 -34.14
N LEU C 191 -1.01 22.51 -33.27
CA LEU C 191 -2.39 22.92 -33.43
C LEU C 191 -2.46 24.43 -33.40
N THR C 192 -3.03 25.03 -34.45
CA THR C 192 -3.17 26.47 -34.50
C THR C 192 -4.64 26.85 -34.71
N ILE C 193 -5.15 27.74 -33.85
CA ILE C 193 -6.58 27.99 -33.76
C ILE C 193 -6.98 29.30 -34.43
N HIS C 194 -7.86 29.22 -35.43
CA HIS C 194 -8.39 30.38 -36.14
C HIS C 194 -9.92 30.37 -36.10
N SER C 195 -10.53 31.40 -36.70
CA SER C 195 -11.96 31.39 -37.00
C SER C 195 -12.14 32.37 -38.15
N TYR C 196 -13.24 32.27 -38.89
CA TYR C 196 -14.30 31.29 -38.70
C TYR C 196 -14.40 30.41 -39.95
N SER C 197 -15.32 29.45 -39.93
CA SER C 197 -15.83 28.71 -41.10
C SER C 197 -15.98 27.22 -40.78
N GLN C 198 -15.65 26.84 -39.56
CA GLN C 198 -15.95 25.49 -39.05
C GLN C 198 -15.27 24.40 -39.89
N MET C 199 -13.95 24.34 -39.76
CA MET C 199 -13.12 23.41 -40.51
C MET C 199 -11.97 22.89 -39.65
N ILE C 200 -11.55 21.66 -39.95
CA ILE C 200 -10.25 21.20 -39.51
C ILE C 200 -9.41 21.00 -40.75
N LEU C 201 -8.32 21.76 -40.85
CA LEU C 201 -7.45 21.69 -42.02
C LEU C 201 -6.13 21.01 -41.66
N TYR C 202 -5.56 20.29 -42.62
CA TYR C 202 -4.19 19.84 -42.50
C TYR C 202 -3.44 20.13 -43.79
N PRO C 203 -2.11 19.88 -43.82
CA PRO C 203 -1.33 20.27 -45.00
C PRO C 203 -1.79 19.56 -46.27
N TYR C 204 -1.49 20.13 -47.43
CA TYR C 204 -0.74 21.38 -47.54
C TYR C 204 -1.63 22.53 -47.99
N SER C 205 -1.24 23.74 -47.59
CA SER C 205 -1.92 24.96 -48.05
C SER C 205 -1.09 25.73 -49.08
N TYR C 206 0.23 25.56 -49.06
CA TYR C 206 1.08 26.28 -50.02
C TYR C 206 1.23 25.55 -51.35
N ASP C 207 0.64 24.35 -51.44
CA ASP C 207 0.71 23.57 -52.68
C ASP C 207 -0.36 22.48 -52.65
N TYR C 208 -0.78 22.07 -53.84
CA TYR C 208 -1.85 21.09 -53.96
C TYR C 208 -1.38 19.67 -53.68
N LYS C 209 -0.06 19.47 -53.61
CA LYS C 209 0.48 18.17 -53.26
C LYS C 209 -0.09 17.73 -51.91
N LEU C 210 -0.05 16.43 -51.65
CA LEU C 210 -0.58 15.89 -50.41
C LEU C 210 0.53 15.43 -49.48
N PRO C 211 0.33 15.58 -48.16
CA PRO C 211 1.29 15.05 -47.19
C PRO C 211 1.34 13.52 -47.28
N GLU C 212 2.48 12.94 -46.94
CA GLU C 212 2.69 11.50 -47.06
C GLU C 212 1.64 10.71 -46.30
N ASN C 213 1.36 11.13 -45.07
CA ASN C 213 0.39 10.44 -44.22
C ASN C 213 -0.99 11.05 -44.34
N ASN C 214 -1.37 11.45 -45.56
CA ASN C 214 -2.63 12.16 -45.76
C ASN C 214 -3.84 11.30 -45.42
N ALA C 215 -3.72 9.99 -45.61
CA ALA C 215 -4.82 9.09 -45.27
C ALA C 215 -5.04 9.11 -43.76
N GLU C 216 -3.93 9.11 -43.03
CA GLU C 216 -3.97 9.15 -41.57
C GLU C 216 -4.60 10.46 -41.09
N LEU C 217 -4.13 11.58 -41.65
CA LEU C 217 -4.64 12.88 -41.23
C LEU C 217 -6.14 12.98 -41.54
N ASN C 218 -6.53 12.47 -42.70
CA ASN C 218 -7.92 12.59 -43.13
C ASN C 218 -8.85 11.81 -42.23
N ASN C 219 -8.49 10.58 -41.91
CA ASN C 219 -9.30 9.77 -40.99
C ASN C 219 -9.36 10.39 -39.60
N LEU C 220 -8.26 11.01 -39.19
CA LEU C 220 -8.18 11.62 -37.88
C LEU C 220 -9.06 12.87 -37.79
N ALA C 221 -8.98 13.72 -38.81
CA ALA C 221 -9.82 14.91 -38.85
C ALA C 221 -11.28 14.47 -38.91
N LYS C 222 -11.53 13.39 -39.64
CA LYS C 222 -12.89 12.88 -39.82
C LYS C 222 -13.52 12.48 -38.51
N ALA C 223 -12.79 11.71 -37.71
CA ALA C 223 -13.30 11.28 -36.41
C ALA C 223 -13.42 12.46 -35.46
N ALA C 224 -12.50 13.42 -35.56
CA ALA C 224 -12.50 14.58 -34.67
C ALA C 224 -13.69 15.48 -34.92
N VAL C 225 -14.05 15.67 -36.18
CA VAL C 225 -15.23 16.45 -36.49
C VAL C 225 -16.49 15.73 -36.01
N LYS C 226 -16.46 14.40 -36.05
CA LYS C 226 -17.59 13.62 -35.57
C LYS C 226 -17.78 13.81 -34.06
N GLU C 227 -16.71 13.73 -33.29
CA GLU C 227 -16.75 14.00 -31.86
C GLU C 227 -17.28 15.40 -31.56
N LEU C 228 -16.87 16.37 -32.36
CA LEU C 228 -17.24 17.75 -32.10
C LEU C 228 -18.75 17.92 -32.29
N ALA C 229 -19.31 17.21 -33.26
CA ALA C 229 -20.73 17.34 -33.61
C ALA C 229 -21.68 16.75 -32.56
N THR C 230 -21.19 15.89 -31.68
CA THR C 230 -22.05 15.20 -30.73
C THR C 230 -22.63 16.13 -29.67
N LEU C 231 -21.98 17.27 -29.42
CA LEU C 231 -22.44 18.15 -28.37
C LEU C 231 -23.62 19.01 -28.79
N TYR C 232 -23.43 19.79 -29.85
CA TYR C 232 -24.46 20.72 -30.31
C TYR C 232 -24.82 20.47 -31.77
N GLY C 233 -24.18 19.47 -32.37
CA GLY C 233 -24.51 19.12 -33.75
C GLY C 233 -23.87 20.07 -34.76
N THR C 234 -22.87 20.83 -34.32
CA THR C 234 -22.16 21.75 -35.20
C THR C 234 -21.37 21.02 -36.27
N LYS C 235 -21.54 21.44 -37.52
CA LYS C 235 -20.96 20.75 -38.67
C LYS C 235 -19.66 21.37 -39.14
N TYR C 236 -18.59 20.58 -39.13
CA TYR C 236 -17.28 20.98 -39.60
C TYR C 236 -16.99 20.24 -40.89
N THR C 237 -16.28 20.88 -41.83
CA THR C 237 -15.65 20.15 -42.91
C THR C 237 -14.17 19.96 -42.58
N TYR C 238 -13.43 19.32 -43.48
CA TYR C 238 -12.03 19.03 -43.21
C TYR C 238 -11.30 18.54 -44.44
N GLY C 239 -9.98 18.64 -44.40
CA GLY C 239 -9.16 18.16 -45.50
C GLY C 239 -7.90 18.98 -45.66
N PRO C 240 -7.15 18.76 -46.75
CA PRO C 240 -6.00 19.62 -47.02
C PRO C 240 -6.41 21.07 -47.21
N GLY C 241 -5.67 21.98 -46.58
CA GLY C 241 -6.07 23.38 -46.63
C GLY C 241 -6.27 23.92 -48.03
N ALA C 242 -5.35 23.64 -48.94
CA ALA C 242 -5.36 24.28 -50.24
C ALA C 242 -6.69 24.08 -50.97
N THR C 243 -7.23 22.86 -50.91
CA THR C 243 -8.46 22.50 -51.59
C THR C 243 -9.70 22.61 -50.72
N THR C 244 -9.50 22.66 -49.40
CA THR C 244 -10.62 22.68 -48.47
C THR C 244 -11.15 24.09 -48.22
N ILE C 245 -10.27 25.08 -48.29
CA ILE C 245 -10.70 26.46 -48.18
C ILE C 245 -10.12 27.31 -49.30
N TYR C 246 -8.81 27.52 -49.29
CA TYR C 246 -8.11 28.14 -50.41
C TYR C 246 -6.59 28.09 -50.23
N PRO C 247 -5.83 28.18 -51.32
CA PRO C 247 -4.36 28.21 -51.22
C PRO C 247 -3.87 29.37 -50.36
N ALA C 248 -2.92 29.08 -49.48
CA ALA C 248 -2.36 30.10 -48.59
C ALA C 248 -0.98 29.68 -48.11
N ALA C 249 0.04 30.12 -48.84
CA ALA C 249 1.43 29.75 -48.56
C ALA C 249 2.00 30.50 -47.36
N GLY C 250 3.00 29.90 -46.72
CA GLY C 250 3.65 30.55 -45.59
C GLY C 250 2.90 30.34 -44.29
N GLY C 251 2.08 29.29 -44.25
CA GLY C 251 1.29 29.01 -43.06
C GLY C 251 2.09 28.25 -42.02
N SER C 252 1.79 28.50 -40.75
CA SER C 252 2.59 27.91 -39.68
C SER C 252 2.36 26.40 -39.61
N ASP C 253 1.17 25.95 -39.98
CA ASP C 253 0.90 24.51 -39.89
C ASP C 253 1.67 23.74 -40.95
N ASP C 254 1.76 24.30 -42.16
CA ASP C 254 2.60 23.72 -43.20
C ASP C 254 4.06 23.70 -42.81
N TRP C 255 4.52 24.80 -42.23
CA TRP C 255 5.91 24.87 -41.81
C TRP C 255 6.20 23.85 -40.72
N ALA C 256 5.34 23.81 -39.71
CA ALA C 256 5.54 22.86 -38.62
C ALA C 256 5.58 21.44 -39.18
N TYR C 257 4.72 21.16 -40.15
CA TYR C 257 4.65 19.83 -40.73
C TYR C 257 5.94 19.50 -41.43
N ASP C 258 6.50 20.47 -42.15
CA ASP C 258 7.72 20.26 -42.90
C ASP C 258 8.97 20.17 -42.00
N GLN C 259 8.81 20.52 -40.73
CA GLN C 259 9.87 20.29 -39.74
C GLN C 259 9.77 18.86 -39.19
N GLY C 260 8.83 18.10 -39.73
CA GLY C 260 8.69 16.71 -39.32
C GLY C 260 7.61 16.46 -38.29
N ILE C 261 6.89 17.51 -37.87
CA ILE C 261 5.78 17.33 -36.95
C ILE C 261 4.57 16.82 -37.73
N LYS C 262 4.35 15.51 -37.70
CA LYS C 262 3.47 14.89 -38.69
C LYS C 262 2.00 15.07 -38.37
N TYR C 263 1.72 15.57 -37.18
CA TYR C 263 0.35 15.92 -36.81
C TYR C 263 0.21 17.41 -36.68
N SER C 264 -0.17 18.05 -37.77
CA SER C 264 -0.30 19.51 -37.81
C SER C 264 -1.69 19.86 -38.34
N PHE C 265 -2.41 20.69 -37.58
CA PHE C 265 -3.79 21.03 -37.92
C PHE C 265 -4.10 22.50 -37.68
N THR C 266 -4.86 23.10 -38.60
CA THR C 266 -5.51 24.38 -38.35
C THR C 266 -6.99 24.17 -38.03
N PHE C 267 -7.44 24.74 -36.92
CA PHE C 267 -8.87 24.74 -36.65
C PHE C 267 -9.46 26.08 -37.05
N GLU C 268 -10.59 26.02 -37.76
CA GLU C 268 -11.42 27.20 -38.01
C GLU C 268 -12.70 27.04 -37.20
N LEU C 269 -12.88 27.85 -36.17
CA LEU C 269 -14.02 27.70 -35.26
C LEU C 269 -15.30 28.32 -35.82
N ARG C 270 -16.35 28.39 -34.99
CA ARG C 270 -17.60 29.02 -35.39
C ARG C 270 -17.39 30.50 -35.75
N ASP C 271 -18.30 31.06 -36.55
CA ASP C 271 -19.39 30.30 -37.15
C ASP C 271 -19.13 30.12 -38.64
N LYS C 272 -20.18 30.10 -39.44
CA LYS C 272 -20.01 29.97 -40.89
C LYS C 272 -20.32 31.25 -41.65
N GLY C 273 -20.33 32.37 -40.94
CA GLY C 273 -20.48 33.65 -41.61
C GLY C 273 -21.63 34.52 -41.15
N ARG C 274 -22.52 33.99 -40.31
CA ARG C 274 -23.61 34.80 -39.82
C ARG C 274 -23.09 35.96 -38.99
N TYR C 275 -22.27 35.66 -37.99
CA TYR C 275 -21.62 36.69 -37.19
C TYR C 275 -20.15 36.83 -37.56
N GLY C 276 -19.61 35.80 -38.19
CA GLY C 276 -18.23 35.87 -38.64
C GLY C 276 -17.23 36.03 -37.50
N PHE C 277 -16.42 37.08 -37.56
CA PHE C 277 -15.41 37.31 -36.53
C PHE C 277 -16.03 37.84 -35.24
N ILE C 278 -17.22 38.40 -35.38
CA ILE C 278 -17.92 39.02 -34.25
C ILE C 278 -18.90 38.03 -33.65
N LEU C 279 -18.39 36.84 -33.32
CA LEU C 279 -19.20 35.80 -32.71
C LEU C 279 -19.67 36.29 -31.33
N PRO C 280 -20.97 36.14 -31.04
CA PRO C 280 -21.53 36.63 -29.77
C PRO C 280 -20.94 35.92 -28.54
N GLU C 281 -20.64 36.69 -27.50
CA GLU C 281 -20.09 36.10 -26.28
C GLU C 281 -20.97 34.95 -25.80
N SER C 282 -22.26 35.01 -26.14
CA SER C 282 -23.23 33.99 -25.75
C SER C 282 -22.98 32.64 -26.43
N GLN C 283 -22.07 32.60 -27.41
CA GLN C 283 -21.72 31.35 -28.08
C GLN C 283 -20.37 30.82 -27.63
N ILE C 284 -19.69 31.52 -26.72
CA ILE C 284 -18.33 31.15 -26.36
C ILE C 284 -18.28 29.78 -25.69
N GLN C 285 -19.09 29.58 -24.65
CA GLN C 285 -19.04 28.32 -23.91
C GLN C 285 -19.29 27.12 -24.83
N ALA C 286 -20.32 27.21 -25.66
CA ALA C 286 -20.70 26.08 -26.51
C ALA C 286 -19.62 25.81 -27.55
N THR C 287 -19.14 26.89 -28.18
CA THR C 287 -18.05 26.78 -29.13
C THR C 287 -16.84 26.10 -28.49
N CYS C 288 -16.47 26.54 -27.29
CA CYS C 288 -15.28 26.01 -26.66
C CYS C 288 -15.46 24.55 -26.22
N GLU C 289 -16.66 24.22 -25.74
CA GLU C 289 -16.93 22.85 -25.28
C GLU C 289 -16.85 21.83 -26.41
N GLU C 290 -17.44 22.14 -27.56
CA GLU C 290 -17.43 21.20 -28.68
C GLU C 290 -16.02 21.04 -29.24
N THR C 291 -15.29 22.14 -29.30
CA THR C 291 -13.92 22.15 -29.79
C THR C 291 -13.03 21.30 -28.88
N MET C 292 -13.25 21.42 -27.57
CA MET C 292 -12.52 20.61 -26.61
C MET C 292 -12.53 19.13 -26.97
N LEU C 293 -13.65 18.66 -27.52
CA LEU C 293 -13.79 17.24 -27.81
C LEU C 293 -12.92 16.85 -29.00
N ALA C 294 -12.82 17.74 -29.98
CA ALA C 294 -11.96 17.48 -31.13
C ALA C 294 -10.51 17.45 -30.70
N ILE C 295 -10.14 18.43 -29.87
CA ILE C 295 -8.76 18.55 -29.42
C ILE C 295 -8.37 17.33 -28.60
N LYS C 296 -9.26 16.90 -27.70
CA LYS C 296 -8.96 15.74 -26.87
C LYS C 296 -8.90 14.45 -27.68
N TYR C 297 -9.68 14.36 -28.74
CA TYR C 297 -9.63 13.16 -29.59
C TYR C 297 -8.27 13.10 -30.25
N VAL C 298 -7.83 14.23 -30.80
CA VAL C 298 -6.54 14.29 -31.47
C VAL C 298 -5.41 14.01 -30.48
N THR C 299 -5.49 14.64 -29.30
CA THR C 299 -4.47 14.43 -28.27
C THR C 299 -4.34 12.94 -27.93
N ASN C 300 -5.46 12.28 -27.73
CA ASN C 300 -5.44 10.87 -27.36
C ASN C 300 -4.80 10.04 -28.48
N TYR C 301 -5.10 10.40 -29.73
CA TYR C 301 -4.52 9.68 -30.87
C TYR C 301 -3.00 9.91 -30.93
N VAL C 302 -2.57 11.16 -30.89
CA VAL C 302 -1.16 11.48 -30.90
C VAL C 302 -0.44 10.74 -29.78
N LEU C 303 -1.10 10.61 -28.63
CA LEU C 303 -0.54 9.86 -27.51
C LEU C 303 -0.04 8.50 -27.95
N GLY C 304 -0.87 7.76 -28.68
CA GLY C 304 -0.51 6.42 -29.09
C GLY C 304 0.28 6.38 -30.38
N HIS C 305 0.83 7.51 -30.80
CA HIS C 305 1.57 7.57 -32.06
C HIS C 305 2.72 8.57 -32.02
N LEU C 306 3.44 8.59 -30.91
CA LEU C 306 4.58 9.48 -30.77
C LEU C 306 5.78 8.96 -31.55
ZN ZN D . -2.05 -18.68 29.23
C1 864 E . -2.70 -22.91 28.77
C2 864 E . -1.61 -22.83 27.76
C3 864 E . -2.91 -24.33 29.22
C4 864 E . -3.60 -25.35 28.42
C5 864 E . -3.78 -26.71 28.83
C6 864 E . -3.23 -27.07 30.11
C7 864 E . -2.54 -26.12 30.96
C8 864 E . -2.38 -24.75 30.52
C9 864 E . -2.00 -26.51 32.27
N10 864 E . -0.53 -26.67 32.27
O13 864 E . -1.83 -22.95 26.53
O14 864 E . -0.45 -22.68 28.16
C15 864 E . -3.96 -22.16 28.17
P24 864 E . -3.91 -20.50 27.91
C25 864 E . -5.00 -19.98 26.74
C26 864 E . -6.54 -20.12 27.06
C27 864 E . -7.19 -21.52 26.95
C28 864 E . -7.36 -19.18 26.15
N29 864 E . -4.62 -20.62 25.50
C30 864 E . -4.13 -19.97 24.41
O31 864 E . -3.98 -18.71 24.37
O32 864 E . -3.80 -20.76 23.36
C33 864 E . -3.16 -20.37 22.13
O34 864 E . -4.17 -19.81 29.14
O35 864 E . -2.60 -20.16 27.42
C36 864 E . -3.00 -21.48 21.20
C37 864 E . -3.30 -21.26 19.79
C38 864 E . -3.15 -22.35 18.85
C39 864 E . -2.70 -23.65 19.33
C40 864 E . -2.40 -23.89 20.74
C41 864 E . -2.55 -22.80 21.67
ZN ZN F . -1.94 -3.02 -5.25
C1 864 G . -0.21 -0.59 -8.38
C2 864 G . 0.03 0.40 -7.31
C3 864 G . 0.64 -0.28 -9.59
C4 864 G . 0.38 0.84 -10.49
C5 864 G . 1.22 1.16 -11.62
C6 864 G . 2.36 0.31 -11.83
C7 864 G . 2.66 -0.82 -10.96
C8 864 G . 1.80 -1.10 -9.85
C9 864 G . 3.84 -1.66 -11.19
N10 864 G . 5.03 -1.15 -10.50
O13 864 G . -0.59 1.49 -7.23
O14 864 G . 0.90 0.14 -6.47
C15 864 G . -1.78 -0.64 -8.62
P24 864 G . -2.78 -1.24 -7.40
C25 864 G . -4.38 -0.70 -7.55
C26 864 G . -5.17 -1.11 -8.85
C27 864 G . -4.91 -0.32 -10.15
C28 864 G . -6.68 -1.04 -8.59
N29 864 G . -4.35 0.75 -7.37
C30 864 G . -4.80 1.42 -6.28
O31 864 G . -5.35 0.85 -5.31
O32 864 G . -4.60 2.76 -6.31
C33 864 G . -4.87 3.71 -5.27
O34 864 G . -2.73 -2.69 -7.41
O35 864 G . -2.30 -0.74 -6.13
C36 864 G . -4.26 5.03 -5.52
C37 864 G . -4.66 6.14 -4.66
C38 864 G . -4.07 7.46 -4.87
C39 864 G . -3.11 7.63 -5.96
C40 864 G . -2.70 6.53 -6.82
C41 864 G . -3.28 5.21 -6.60
ZN ZN H . -7.05 33.42 -39.20
C1 864 I . -6.42 31.03 -42.74
C2 864 I . -5.69 32.24 -43.23
C3 864 I . -6.04 29.82 -43.54
C4 864 I . -6.47 29.60 -44.92
C5 864 I . -6.08 28.47 -45.71
C6 864 I . -5.22 27.51 -45.08
C7 864 I . -4.76 27.66 -43.71
C8 864 I . -5.16 28.82 -42.94
C9 864 I . -3.87 26.67 -43.10
N10 864 I . -2.47 27.11 -43.02
O13 864 I . -6.15 33.01 -44.11
O14 864 I . -4.56 32.49 -42.74
C15 864 I . -7.97 31.38 -42.71
P24 864 I . -8.51 32.53 -41.61
C25 864 I . -9.91 33.35 -42.09
C26 864 I . -11.24 32.51 -42.20
C27 864 I . -11.40 31.52 -43.37
C28 864 I . -12.47 33.44 -42.23
N29 864 I . -9.60 34.05 -43.32
C30 864 I . -9.67 35.39 -43.51
O31 864 I . -10.05 36.18 -42.60
O32 864 I . -9.28 35.82 -44.74
C33 864 I . -9.24 37.19 -45.19
O34 864 I . -8.75 31.86 -40.33
O35 864 I . -7.50 33.54 -41.48
C36 864 I . -8.64 37.37 -46.54
C37 864 I . -8.08 36.23 -47.24
C38 864 I . -7.50 36.42 -48.56
C39 864 I . -7.49 37.75 -49.13
C40 864 I . -8.05 38.91 -48.44
C41 864 I . -8.63 38.71 -47.13
#